data_6YKU
#
_entry.id   6YKU
#
_cell.length_a   49.109
_cell.length_b   80.742
_cell.length_c   224.012
_cell.angle_alpha   90.000
_cell.angle_beta   90.000
_cell.angle_gamma   90.000
#
_symmetry.space_group_name_H-M   'P 21 21 21'
#
loop_
_entity.id
_entity.type
_entity.pdbx_description
1 polymer 'Leucine--tRNA ligase'
2 non-polymer 'ZINC ION'
3 non-polymer '[(2~{R},3~{S},4~{S},5~{R})-3,4-bis(oxidanyl)-5-[3-[4-[4-(trifluoromethyloxy)phenyl]-1,2,3-triazol-1-yl]propyl]oxan-2-yl]methyl ~{N}-[(2~{S})-2-azanyl-4-methyl-pentanoyl]sulfamate'
4 non-polymer 1,2-ETHANEDIOL
5 non-polymer 'MAGNESIUM ION'
6 water water
#
_entity_poly.entity_id   1
_entity_poly.type   'polypeptide(L)'
_entity_poly.pdbx_seq_one_letter_code
;GMQEHYQPAAIEPAAQKKWDDARISNVSEDASKPKYYCLSMFPYPSGKLHMGHVRNYTIGDVLSRFKLLNGFNVMQPMGW
DAFGMPAENAAMKNNVAPAAWTYDNIEYMKTQLKSLGFAVDWEREVATCKPEYYRWEQWLFTKLFEKGIVYRKNGTVNWD
PVDQTVLANEQVIDGRGWRSGALIEKREIPMYYFKITDYAEELLNDLDKLEHWPEQVKTMQRNWIGKSRGMTVRFAVSDD
SKQGLEGDYAKFLQVYTTRPDTLMGATYVAVAAEHPLATAAAADKPELQAFIAECKAGSVAEADMATMEKKGVPTGRYVV
NPLNGDKLEVWIANYVLWGYGDGAVMAVPAHDERDFEFAAKYNLPKKQVIAVGDNAFDANRWQEWYGDKENGVLVNSGDL
DGLDFQTAFDAVAAKLQSQGAGEPKTQYRLRDWGISRQRYWGCPIPIVHCEKCGNVPVPADQLPVVLPENVVPDGMGSPL
AKMPEFYETSCPCCGGAAKRETDTMDTFIESSWYFFRYMSPKFSDGMVSAESAKYWGAVDQYIGGIEHAILHLLYARFFT
KLMRDEGLVNVDEPFERLLTQGMVVCETYYRENDKGGKDWINPADVELTFDDKGRPVSAVLKADGLPVVISGTEKMSKSK
NNGVDPQELINAYGADTARLFMMFAAPPEQSLEWSDSGVEGAHRFLRRLWRTVYEYLKQGGAVKAFAGNQDGLSKELKDL
RHKLHSTTAKVSDDYGRRQQFNTAIAAVMELLNQYDKTDTGSEQGRAVAQEVLEAAVRLLWPIVPHICETLWSELNGAKL
WEAGWPTVDEAALVKSEIEVMVQVNGKLRGKITVAADASKADLEAAALANEGAVKFMEGKPAKKIIVVPGRLVNIVV
;
_entity_poly.pdbx_strand_id   A
#
loop_
_chem_comp.id
_chem_comp.type
_chem_comp.name
_chem_comp.formula
EDO non-polymer 1,2-ETHANEDIOL 'C2 H6 O2'
MG non-polymer 'MAGNESIUM ION' 'Mg 2'
OVB non-polymer '[(2~{R},3~{S},4~{S},5~{R})-3,4-bis(oxidanyl)-5-[3-[4-[4-(trifluoromethyloxy)phenyl]-1,2,3-triazol-1-yl]propyl]oxan-2-yl]methyl ~{N}-[(2~{S})-2-azanyl-4-methyl-pentanoyl]sulfamate' 'C24 H34 F3 N5 O8 S'
ZN non-polymer 'ZINC ION' 'Zn 2'
#
# COMPACT_ATOMS: atom_id res chain seq x y z
N MET A 2 8.62 44.35 -3.77
CA MET A 2 7.67 43.24 -3.74
C MET A 2 6.39 43.60 -4.47
N GLN A 3 5.99 42.76 -5.42
CA GLN A 3 4.75 42.98 -6.14
C GLN A 3 3.57 42.84 -5.19
N GLU A 4 2.55 43.68 -5.41
CA GLU A 4 1.41 43.72 -4.50
C GLU A 4 0.61 42.42 -4.53
N HIS A 5 0.40 41.86 -5.71
CA HIS A 5 -0.48 40.74 -5.87
C HIS A 5 0.30 39.45 -6.11
N TYR A 6 -0.26 38.35 -5.61
CA TYR A 6 0.37 37.04 -5.72
C TYR A 6 0.16 36.49 -7.12
N GLN A 7 1.27 36.14 -7.79
CA GLN A 7 1.23 35.60 -9.15
C GLN A 7 2.15 34.40 -9.21
N PRO A 8 1.61 33.19 -9.04
CA PRO A 8 2.47 32.00 -8.97
C PRO A 8 3.36 31.81 -10.19
N ALA A 9 2.92 32.20 -11.39
CA ALA A 9 3.74 31.95 -12.57
C ALA A 9 4.98 32.85 -12.58
N ALA A 10 4.95 33.94 -11.83
CA ALA A 10 6.09 34.83 -11.72
C ALA A 10 7.07 34.44 -10.61
N ILE A 11 6.73 33.47 -9.76
CA ILE A 11 7.61 33.14 -8.65
C ILE A 11 8.00 31.67 -8.65
N GLU A 12 7.13 30.79 -9.16
CA GLU A 12 7.38 29.37 -9.00
C GLU A 12 8.58 28.89 -9.84
N PRO A 13 8.73 29.35 -11.09
CA PRO A 13 9.94 28.96 -11.84
C PRO A 13 11.21 29.54 -11.25
N ALA A 14 11.18 30.77 -10.72
CA ALA A 14 12.37 31.33 -10.10
C ALA A 14 12.77 30.55 -8.85
N ALA A 15 11.79 30.16 -8.04
CA ALA A 15 12.09 29.37 -6.85
C ALA A 15 12.71 28.04 -7.22
N GLN A 16 12.17 27.39 -8.27
CA GLN A 16 12.72 26.12 -8.70
C GLN A 16 14.16 26.28 -9.19
N LYS A 17 14.45 27.37 -9.92
CA LYS A 17 15.83 27.62 -10.36
C LYS A 17 16.75 27.91 -9.18
N LYS A 18 16.23 28.57 -8.14
CA LYS A 18 17.04 28.83 -6.96
C LYS A 18 17.40 27.53 -6.24
N TRP A 19 16.42 26.64 -6.06
CA TRP A 19 16.70 25.36 -5.40
C TRP A 19 17.62 24.50 -6.26
N ASP A 20 17.34 24.43 -7.56
CA ASP A 20 18.18 23.64 -8.46
C ASP A 20 19.61 24.16 -8.44
N ASP A 21 19.78 25.49 -8.49
CA ASP A 21 21.12 26.07 -8.51
C ASP A 21 21.90 25.73 -7.25
N ALA A 22 21.23 25.74 -6.10
CA ALA A 22 21.89 25.40 -4.85
C ALA A 22 22.04 23.91 -4.65
N ARG A 23 21.48 23.10 -5.56
CA ARG A 23 21.59 21.63 -5.52
C ARG A 23 21.12 21.05 -4.19
N ILE A 24 20.12 21.69 -3.56
CA ILE A 24 19.72 21.28 -2.22
C ILE A 24 19.18 19.86 -2.21
N SER A 25 18.68 19.37 -3.34
CA SER A 25 18.10 18.04 -3.41
C SER A 25 19.02 16.99 -4.01
N ASN A 26 20.22 17.37 -4.44
CA ASN A 26 21.19 16.42 -5.00
C ASN A 26 22.15 16.02 -3.88
N VAL A 27 21.92 14.84 -3.30
CA VAL A 27 22.60 14.43 -2.08
C VAL A 27 23.59 13.31 -2.39
N SER A 28 24.59 13.20 -1.51
CA SER A 28 25.63 12.18 -1.61
C SER A 28 25.73 11.44 -0.28
N GLU A 29 26.62 10.45 -0.22
CA GLU A 29 26.83 9.64 0.98
C GLU A 29 27.79 10.37 1.93
N ASP A 30 27.32 11.52 2.41
CA ASP A 30 28.13 12.41 3.23
C ASP A 30 27.88 12.10 4.70
N ALA A 31 28.86 11.47 5.35
CA ALA A 31 28.75 11.12 6.77
C ALA A 31 28.81 12.32 7.71
N SER A 32 28.69 13.55 7.20
CA SER A 32 28.72 14.75 8.02
C SER A 32 27.33 15.20 8.48
N LYS A 33 26.28 14.83 7.75
CA LYS A 33 24.91 15.12 8.14
C LYS A 33 24.11 13.81 8.24
N PRO A 34 23.20 13.71 9.20
CA PRO A 34 22.44 12.47 9.37
C PRO A 34 21.49 12.23 8.19
N LYS A 35 21.51 11.01 7.69
CA LYS A 35 20.74 10.69 6.50
C LYS A 35 19.26 10.56 6.83
N TYR A 36 18.43 10.87 5.85
CA TYR A 36 17.01 10.54 5.91
C TYR A 36 16.58 10.17 4.49
N TYR A 37 16.01 8.97 4.35
CA TYR A 37 15.58 8.43 3.07
C TYR A 37 14.06 8.44 3.06
N CYS A 38 13.48 9.37 2.32
CA CYS A 38 12.03 9.51 2.23
C CYS A 38 11.60 9.16 0.81
N LEU A 39 10.76 8.13 0.68
CA LEU A 39 10.47 7.55 -0.61
C LEU A 39 8.97 7.47 -0.84
N SER A 40 8.53 7.92 -2.02
CA SER A 40 7.17 7.71 -2.47
C SER A 40 7.16 6.67 -3.58
N MET A 41 6.12 5.81 -3.60
CA MET A 41 6.04 4.74 -4.60
C MET A 41 6.13 5.31 -6.01
N PHE A 42 7.11 4.84 -6.79
CA PHE A 42 7.35 5.46 -8.10
C PHE A 42 6.24 5.07 -9.08
N PRO A 43 5.96 5.94 -10.05
CA PRO A 43 4.78 5.76 -10.90
C PRO A 43 5.02 4.95 -12.15
N TYR A 44 3.93 4.44 -12.70
CA TYR A 44 3.94 3.95 -14.07
C TYR A 44 3.95 5.15 -15.02
N PRO A 45 4.86 5.22 -15.99
CA PRO A 45 4.82 6.35 -16.93
C PRO A 45 3.68 6.18 -17.93
N SER A 46 2.45 6.41 -17.44
CA SER A 46 1.24 6.13 -18.21
C SER A 46 0.95 7.18 -19.29
N GLY A 47 1.55 8.35 -19.22
CA GLY A 47 1.20 9.43 -20.12
C GLY A 47 1.27 10.77 -19.43
N LYS A 48 0.39 10.98 -18.44
CA LYS A 48 0.38 12.22 -17.68
C LYS A 48 0.19 11.89 -16.21
N LEU A 49 0.56 12.84 -15.35
CA LEU A 49 0.21 12.72 -13.94
C LEU A 49 -1.30 12.77 -13.78
N HIS A 50 -1.80 12.00 -12.82
CA HIS A 50 -3.17 12.17 -12.35
C HIS A 50 -3.15 12.66 -10.90
N MET A 51 -4.35 12.81 -10.32
CA MET A 51 -4.45 13.49 -9.02
C MET A 51 -3.91 12.63 -7.89
N GLY A 52 -3.95 11.30 -8.05
CA GLY A 52 -3.32 10.43 -7.06
C GLY A 52 -1.82 10.63 -6.99
N HIS A 53 -1.18 10.82 -8.15
CA HIS A 53 0.23 11.15 -8.18
C HIS A 53 0.52 12.43 -7.41
N VAL A 54 -0.25 13.49 -7.66
CA VAL A 54 0.03 14.78 -7.03
C VAL A 54 -0.12 14.66 -5.52
N ARG A 55 -1.19 14.01 -5.06
CA ARG A 55 -1.37 13.78 -3.63
C ARG A 55 -0.18 13.01 -3.05
N ASN A 56 0.21 11.90 -3.69
CA ASN A 56 1.27 11.06 -3.13
C ASN A 56 2.58 11.85 -3.02
N TYR A 57 2.99 12.48 -4.10
CA TYR A 57 4.31 13.10 -4.13
C TYR A 57 4.34 14.43 -3.42
N THR A 58 3.18 15.06 -3.18
CA THR A 58 3.16 16.20 -2.28
C THR A 58 3.37 15.75 -0.84
N ILE A 59 2.66 14.69 -0.42
CA ILE A 59 2.88 14.13 0.93
C ILE A 59 4.35 13.81 1.13
N GLY A 60 4.96 13.09 0.19
CA GLY A 60 6.38 12.81 0.28
C GLY A 60 7.23 14.07 0.38
N ASP A 61 6.85 15.12 -0.36
CA ASP A 61 7.65 16.34 -0.37
C ASP A 61 7.51 17.11 0.95
N VAL A 62 6.31 17.13 1.53
CA VAL A 62 6.13 17.75 2.83
C VAL A 62 7.07 17.12 3.85
N LEU A 63 7.09 15.79 3.90
CA LEU A 63 7.93 15.10 4.88
C LEU A 63 9.40 15.28 4.58
N SER A 64 9.77 15.29 3.29
CA SER A 64 11.17 15.48 2.92
C SER A 64 11.65 16.88 3.26
N ARG A 65 10.89 17.90 2.87
CA ARG A 65 11.29 19.27 3.13
C ARG A 65 11.33 19.55 4.63
N PHE A 66 10.40 18.95 5.38
CA PHE A 66 10.41 19.07 6.83
C PHE A 66 11.71 18.52 7.43
N LYS A 67 12.16 17.35 6.97
CA LYS A 67 13.40 16.79 7.49
C LYS A 67 14.61 17.57 6.99
N LEU A 68 14.54 18.06 5.74
CA LEU A 68 15.58 18.95 5.24
C LEU A 68 15.76 20.14 6.18
N LEU A 69 14.68 20.84 6.51
CA LEU A 69 14.77 22.01 7.38
C LEU A 69 15.24 21.65 8.79
N ASN A 70 15.11 20.40 9.20
CA ASN A 70 15.60 19.96 10.49
C ASN A 70 17.03 19.42 10.42
N GLY A 71 17.73 19.65 9.31
CA GLY A 71 19.15 19.34 9.24
C GLY A 71 19.52 17.95 8.77
N PHE A 72 18.59 17.20 8.18
CA PHE A 72 18.92 15.87 7.69
C PHE A 72 19.48 15.95 6.27
N ASN A 73 20.34 14.98 5.94
CA ASN A 73 20.77 14.77 4.54
C ASN A 73 19.70 13.91 3.88
N VAL A 74 18.77 14.54 3.15
CA VAL A 74 17.53 13.91 2.71
C VAL A 74 17.69 13.40 1.29
N MET A 75 17.49 12.10 1.08
CA MET A 75 17.31 11.55 -0.25
C MET A 75 15.83 11.35 -0.51
N GLN A 76 15.33 12.02 -1.55
CA GLN A 76 13.98 11.81 -2.06
C GLN A 76 14.08 11.51 -3.55
N PRO A 77 14.17 10.25 -3.92
CA PRO A 77 14.40 9.90 -5.33
C PRO A 77 13.13 9.59 -6.10
N MET A 78 13.13 9.80 -7.41
CA MET A 78 12.01 9.42 -8.25
C MET A 78 12.50 8.73 -9.51
N GLY A 79 11.60 7.97 -10.12
CA GLY A 79 11.93 7.13 -11.24
C GLY A 79 10.66 6.51 -11.76
N TRP A 80 10.82 5.57 -12.68
CA TRP A 80 9.70 5.13 -13.51
C TRP A 80 9.60 3.62 -13.52
N ASP A 81 8.46 3.11 -13.04
CA ASP A 81 8.07 1.70 -13.06
C ASP A 81 7.52 1.40 -14.45
N ALA A 82 8.40 1.08 -15.39
CA ALA A 82 8.10 1.33 -16.80
C ALA A 82 7.58 0.12 -17.57
N PHE A 83 7.80 -1.10 -17.12
CA PHE A 83 7.30 -2.26 -17.85
C PHE A 83 5.84 -2.53 -17.52
N GLY A 84 5.20 -3.33 -18.35
CA GLY A 84 3.83 -3.69 -18.06
C GLY A 84 2.92 -3.51 -19.26
N MET A 85 1.64 -3.78 -19.04
CA MET A 85 0.66 -3.87 -20.11
C MET A 85 0.25 -2.54 -20.76
N PRO A 86 0.14 -1.41 -20.01
CA PRO A 86 -0.23 -0.14 -20.66
C PRO A 86 0.50 0.15 -21.96
N ALA A 87 1.83 0.04 -21.94
CA ALA A 87 2.59 0.33 -23.15
C ALA A 87 2.29 -0.68 -24.26
N GLU A 88 1.99 -1.94 -23.89
CA GLU A 88 1.57 -2.89 -24.91
C GLU A 88 0.21 -2.52 -25.48
N ASN A 89 -0.74 -2.17 -24.61
CA ASN A 89 -2.05 -1.74 -25.08
C ASN A 89 -1.95 -0.53 -25.98
N ALA A 90 -1.24 0.51 -25.51
CA ALA A 90 -1.05 1.70 -26.33
C ALA A 90 -0.36 1.38 -27.65
N ALA A 91 0.54 0.39 -27.64
CA ALA A 91 1.20 -0.01 -28.88
C ALA A 91 0.19 -0.56 -29.88
N MET A 92 -0.73 -1.40 -29.42
CA MET A 92 -1.71 -1.97 -30.33
C MET A 92 -2.71 -0.91 -30.80
N LYS A 93 -3.11 -0.02 -29.91
CA LYS A 93 -4.05 1.03 -30.29
C LYS A 93 -3.43 1.98 -31.30
N ASN A 94 -2.18 2.42 -31.05
CA ASN A 94 -1.59 3.50 -31.81
C ASN A 94 -0.48 3.07 -32.78
N ASN A 95 -0.13 1.78 -32.82
CA ASN A 95 0.92 1.27 -33.73
C ASN A 95 2.27 1.94 -33.48
N VAL A 96 2.64 2.09 -32.20
CA VAL A 96 3.93 2.65 -31.81
C VAL A 96 4.65 1.64 -30.93
N ALA A 97 5.95 1.82 -30.80
CA ALA A 97 6.70 0.88 -29.98
C ALA A 97 6.45 1.18 -28.50
N PRO A 98 6.22 0.15 -27.68
CA PRO A 98 6.05 0.38 -26.24
C PRO A 98 7.19 1.18 -25.63
N ALA A 99 8.42 0.95 -26.08
CA ALA A 99 9.56 1.69 -25.52
C ALA A 99 9.47 3.17 -25.88
N ALA A 100 9.22 3.48 -27.15
CA ALA A 100 9.09 4.87 -27.58
C ALA A 100 7.96 5.57 -26.85
N TRP A 101 6.80 4.91 -26.78
CA TRP A 101 5.68 5.44 -26.02
C TRP A 101 6.07 5.70 -24.56
N THR A 102 6.81 4.76 -23.96
CA THR A 102 7.23 4.91 -22.56
C THR A 102 8.16 6.09 -22.36
N TYR A 103 9.19 6.20 -23.20
CA TYR A 103 10.16 7.29 -23.02
C TYR A 103 9.52 8.66 -23.26
N ASP A 104 8.56 8.77 -24.17
CA ASP A 104 7.85 10.04 -24.32
C ASP A 104 7.10 10.39 -23.04
N ASN A 105 6.38 9.43 -22.47
CA ASN A 105 5.61 9.70 -21.26
C ASN A 105 6.52 10.11 -20.12
N ILE A 106 7.69 9.46 -20.00
CA ILE A 106 8.63 9.79 -18.93
C ILE A 106 9.07 11.22 -19.04
N GLU A 107 9.38 11.68 -20.26
CA GLU A 107 9.82 13.06 -20.42
C GLU A 107 8.71 14.05 -20.10
N TYR A 108 7.48 13.77 -20.54
CA TYR A 108 6.39 14.68 -20.21
C TYR A 108 6.09 14.68 -18.71
N MET A 109 6.01 13.49 -18.11
CA MET A 109 5.66 13.42 -16.70
C MET A 109 6.76 14.02 -15.82
N LYS A 110 8.03 13.82 -16.22
CA LYS A 110 9.12 14.42 -15.45
C LYS A 110 8.97 15.93 -15.40
N THR A 111 8.69 16.55 -16.55
CA THR A 111 8.44 17.99 -16.59
C THR A 111 7.32 18.39 -15.63
N GLN A 112 6.26 17.60 -15.58
CA GLN A 112 5.15 17.91 -14.68
C GLN A 112 5.60 17.86 -13.23
N LEU A 113 6.30 16.79 -12.84
CA LEU A 113 6.82 16.67 -11.48
C LEU A 113 7.70 17.86 -11.12
N LYS A 114 8.61 18.24 -12.02
CA LYS A 114 9.50 19.36 -11.76
C LYS A 114 8.72 20.67 -11.60
N SER A 115 7.67 20.86 -12.41
CA SER A 115 6.87 22.06 -12.29
C SER A 115 6.12 22.13 -10.96
N LEU A 116 5.89 21.00 -10.30
CA LEU A 116 5.25 21.00 -8.99
C LEU A 116 6.24 21.28 -7.86
N GLY A 117 7.54 21.37 -8.16
CA GLY A 117 8.51 21.80 -7.17
C GLY A 117 8.88 20.76 -6.14
N PHE A 118 8.71 19.47 -6.45
CA PHE A 118 9.15 18.43 -5.51
C PHE A 118 10.68 18.44 -5.40
N ALA A 119 11.17 18.32 -4.16
CA ALA A 119 12.60 18.39 -3.87
C ALA A 119 13.24 17.02 -4.12
N VAL A 120 13.40 16.69 -5.40
CA VAL A 120 13.73 15.34 -5.85
C VAL A 120 15.18 15.30 -6.33
N ASP A 121 15.90 14.23 -5.98
CA ASP A 121 17.27 14.06 -6.48
C ASP A 121 17.20 13.43 -7.86
N TRP A 122 17.14 14.28 -8.89
CA TRP A 122 16.96 13.78 -10.25
C TRP A 122 18.22 13.12 -10.77
N GLU A 123 19.39 13.36 -10.15
CA GLU A 123 20.58 12.59 -10.50
C GLU A 123 20.47 11.12 -10.14
N ARG A 124 19.48 10.73 -9.33
CA ARG A 124 19.27 9.34 -8.96
C ARG A 124 18.15 8.68 -9.76
N GLU A 125 17.63 9.36 -10.79
CA GLU A 125 16.53 8.83 -11.59
C GLU A 125 16.85 7.46 -12.16
N VAL A 126 15.84 6.59 -12.20
CA VAL A 126 15.96 5.30 -12.86
C VAL A 126 14.72 5.08 -13.72
N ALA A 127 14.90 4.31 -14.79
CA ALA A 127 13.78 3.84 -15.60
C ALA A 127 13.94 2.33 -15.70
N THR A 128 12.98 1.58 -15.12
CA THR A 128 13.18 0.15 -14.96
C THR A 128 13.18 -0.61 -16.28
N CYS A 129 12.78 0.01 -17.39
CA CYS A 129 12.85 -0.64 -18.69
C CYS A 129 14.19 -0.46 -19.36
N LYS A 130 15.12 0.24 -18.72
CA LYS A 130 16.45 0.34 -19.32
C LYS A 130 17.29 -0.87 -18.92
N PRO A 131 18.11 -1.39 -19.84
CA PRO A 131 18.95 -2.55 -19.51
C PRO A 131 19.88 -2.30 -18.32
N GLU A 132 20.32 -1.05 -18.13
CA GLU A 132 21.18 -0.73 -16.99
C GLU A 132 20.45 -0.95 -15.68
N TYR A 133 19.13 -0.99 -15.67
CA TYR A 133 18.37 -1.35 -14.47
C TYR A 133 18.10 -2.84 -14.42
N TYR A 134 17.40 -3.38 -15.41
CA TYR A 134 16.86 -4.73 -15.24
C TYR A 134 17.92 -5.82 -15.36
N ARG A 135 19.14 -5.48 -15.79
CA ARG A 135 20.20 -6.49 -15.80
C ARG A 135 20.43 -7.03 -14.39
N TRP A 136 20.20 -6.22 -13.35
CA TRP A 136 20.53 -6.64 -12.00
C TRP A 136 19.48 -7.56 -11.40
N GLU A 137 18.23 -7.47 -11.85
CA GLU A 137 17.26 -8.48 -11.43
C GLU A 137 17.39 -9.76 -12.27
N GLN A 138 17.79 -9.66 -13.53
CA GLN A 138 18.21 -10.87 -14.23
C GLN A 138 19.37 -11.52 -13.50
N TRP A 139 20.36 -10.71 -13.10
CA TRP A 139 21.49 -11.24 -12.34
C TRP A 139 21.01 -11.97 -11.09
N LEU A 140 20.20 -11.30 -10.27
CA LEU A 140 19.71 -11.94 -9.04
C LEU A 140 18.92 -13.20 -9.35
N PHE A 141 18.11 -13.16 -10.42
CA PHE A 141 17.38 -14.34 -10.86
C PHE A 141 18.32 -15.52 -11.06
N THR A 142 19.41 -15.32 -11.82
CA THR A 142 20.33 -16.43 -12.09
C THR A 142 20.96 -16.96 -10.81
N LYS A 143 21.36 -16.06 -9.91
CA LYS A 143 21.91 -16.47 -8.62
C LYS A 143 20.91 -17.34 -7.85
N LEU A 144 19.65 -16.92 -7.79
CA LEU A 144 18.68 -17.68 -7.03
C LEU A 144 18.29 -18.97 -7.74
N PHE A 145 18.26 -18.95 -9.08
CA PHE A 145 17.92 -20.13 -9.86
C PHE A 145 18.88 -21.27 -9.61
N GLU A 146 20.18 -20.98 -9.54
CA GLU A 146 21.14 -22.05 -9.28
C GLU A 146 21.08 -22.53 -7.84
N LYS A 147 20.61 -21.68 -6.91
CA LYS A 147 20.36 -22.10 -5.55
C LYS A 147 19.04 -22.82 -5.38
N GLY A 148 18.19 -22.84 -6.40
CA GLY A 148 16.88 -23.43 -6.27
C GLY A 148 15.83 -22.53 -5.65
N ILE A 149 16.19 -21.33 -5.19
CA ILE A 149 15.21 -20.40 -4.68
C ILE A 149 14.26 -19.93 -5.79
N VAL A 150 14.76 -19.86 -7.03
CA VAL A 150 13.91 -19.75 -8.21
C VAL A 150 13.94 -21.11 -8.90
N TYR A 151 12.77 -21.63 -9.27
CA TYR A 151 12.67 -22.92 -9.90
C TYR A 151 11.63 -22.87 -11.02
N ARG A 152 11.67 -23.89 -11.85
CA ARG A 152 10.80 -24.01 -13.01
C ARG A 152 9.91 -25.23 -12.80
N LYS A 153 8.61 -25.06 -13.06
CA LYS A 153 7.63 -26.11 -12.77
C LYS A 153 6.40 -25.85 -13.62
N ASN A 154 5.72 -26.92 -14.00
CA ASN A 154 4.48 -26.76 -14.75
C ASN A 154 3.40 -26.15 -13.86
N GLY A 155 2.69 -25.15 -14.38
CA GLY A 155 1.53 -24.60 -13.71
C GLY A 155 0.38 -24.43 -14.69
N THR A 156 -0.80 -24.17 -14.14
CA THR A 156 -2.02 -24.05 -14.94
C THR A 156 -2.35 -22.58 -15.17
N VAL A 157 -2.61 -22.23 -16.43
CA VAL A 157 -2.98 -20.86 -16.80
C VAL A 157 -4.32 -20.88 -17.52
N ASN A 158 -4.95 -19.69 -17.57
CA ASN A 158 -6.14 -19.45 -18.38
C ASN A 158 -5.69 -18.94 -19.74
N TRP A 159 -5.93 -19.73 -20.78
CA TRP A 159 -5.57 -19.36 -22.14
C TRP A 159 -6.79 -18.82 -22.86
N ASP A 160 -6.67 -17.62 -23.44
CA ASP A 160 -7.72 -17.08 -24.30
C ASP A 160 -7.38 -17.40 -25.73
N PRO A 161 -8.15 -18.26 -26.41
CA PRO A 161 -7.78 -18.67 -27.76
C PRO A 161 -8.18 -17.68 -28.85
N VAL A 162 -8.94 -16.64 -28.53
CA VAL A 162 -9.26 -15.62 -29.53
C VAL A 162 -8.23 -14.49 -29.49
N ASP A 163 -7.90 -13.99 -28.31
CA ASP A 163 -6.84 -13.00 -28.17
C ASP A 163 -5.44 -13.61 -28.17
N GLN A 164 -5.32 -14.93 -28.07
CA GLN A 164 -4.03 -15.62 -28.09
C GLN A 164 -3.09 -15.08 -27.01
N THR A 165 -3.57 -15.14 -25.77
CA THR A 165 -2.78 -14.66 -24.66
C THR A 165 -3.31 -15.25 -23.36
N VAL A 166 -2.48 -15.19 -22.32
CA VAL A 166 -2.81 -15.72 -21.01
C VAL A 166 -3.52 -14.64 -20.20
N LEU A 167 -4.51 -15.05 -19.41
CA LEU A 167 -5.32 -14.13 -18.63
C LEU A 167 -5.25 -14.48 -17.14
N ALA A 168 -5.15 -13.46 -16.31
CA ALA A 168 -5.32 -13.67 -14.88
C ALA A 168 -6.77 -14.00 -14.57
N ASN A 169 -6.99 -14.64 -13.42
CA ASN A 169 -8.34 -14.95 -12.97
C ASN A 169 -9.23 -13.72 -12.97
N GLU A 170 -8.65 -12.55 -12.68
CA GLU A 170 -9.40 -11.30 -12.67
C GLU A 170 -9.88 -10.91 -14.06
N GLN A 171 -9.25 -11.40 -15.11
CA GLN A 171 -9.65 -11.11 -16.49
C GLN A 171 -10.57 -12.18 -17.07
N VAL A 172 -11.05 -13.10 -16.25
CA VAL A 172 -12.00 -14.14 -16.65
C VAL A 172 -13.35 -13.81 -16.04
N ILE A 173 -14.37 -13.73 -16.88
CA ILE A 173 -15.74 -13.46 -16.45
C ILE A 173 -16.61 -14.60 -16.94
N ASP A 174 -17.20 -15.34 -15.99
CA ASP A 174 -18.04 -16.51 -16.30
C ASP A 174 -17.36 -17.45 -17.27
N GLY A 175 -16.08 -17.72 -17.03
CA GLY A 175 -15.34 -18.64 -17.88
C GLY A 175 -14.88 -18.07 -19.19
N ARG A 176 -15.02 -16.76 -19.41
CA ARG A 176 -14.74 -16.14 -20.71
C ARG A 176 -13.78 -14.98 -20.55
N GLY A 177 -12.94 -14.79 -21.58
CA GLY A 177 -12.01 -13.67 -21.57
C GLY A 177 -12.74 -12.34 -21.52
N TRP A 178 -12.14 -11.39 -20.77
CA TRP A 178 -12.80 -10.11 -20.50
C TRP A 178 -13.03 -9.31 -21.78
N ARG A 179 -12.07 -9.32 -22.70
CA ARG A 179 -12.23 -8.58 -23.95
C ARG A 179 -12.81 -9.44 -25.06
N SER A 180 -12.26 -10.64 -25.27
CA SER A 180 -12.69 -11.47 -26.40
C SER A 180 -14.09 -12.02 -26.19
N GLY A 181 -14.43 -12.41 -24.97
CA GLY A 181 -15.68 -13.11 -24.75
C GLY A 181 -15.61 -14.59 -25.05
N ALA A 182 -14.45 -15.11 -25.42
CA ALA A 182 -14.29 -16.53 -25.71
C ALA A 182 -14.08 -17.33 -24.44
N LEU A 183 -14.59 -18.56 -24.44
CA LEU A 183 -14.31 -19.48 -23.34
C LEU A 183 -12.81 -19.66 -23.19
N ILE A 184 -12.30 -19.47 -21.97
CA ILE A 184 -10.87 -19.66 -21.75
C ILE A 184 -10.57 -21.15 -21.56
N GLU A 185 -9.31 -21.52 -21.80
CA GLU A 185 -8.86 -22.90 -21.70
C GLU A 185 -7.80 -23.01 -20.61
N LYS A 186 -7.99 -23.96 -19.71
CA LYS A 186 -6.97 -24.28 -18.72
C LYS A 186 -5.86 -25.07 -19.37
N ARG A 187 -4.64 -24.54 -19.30
CA ARG A 187 -3.46 -25.13 -19.91
C ARG A 187 -2.36 -25.29 -18.88
N GLU A 188 -1.68 -26.43 -18.91
CA GLU A 188 -0.49 -26.65 -18.11
C GLU A 188 0.74 -26.22 -18.91
N ILE A 189 1.51 -25.28 -18.37
CA ILE A 189 2.75 -24.85 -19.03
C ILE A 189 3.87 -24.69 -18.01
N PRO A 190 5.10 -24.85 -18.46
CA PRO A 190 6.25 -24.63 -17.56
C PRO A 190 6.38 -23.15 -17.22
N MET A 191 6.56 -22.86 -15.93
CA MET A 191 6.72 -21.49 -15.48
C MET A 191 7.75 -21.45 -14.37
N TYR A 192 8.25 -20.24 -14.09
CA TYR A 192 9.27 -20.02 -13.07
C TYR A 192 8.64 -19.44 -11.81
N TYR A 193 9.21 -19.80 -10.67
CA TYR A 193 8.64 -19.45 -9.37
C TYR A 193 9.74 -19.05 -8.40
N PHE A 194 9.46 -18.03 -7.60
CA PHE A 194 10.28 -17.72 -6.44
C PHE A 194 9.74 -18.53 -5.27
N LYS A 195 10.65 -19.20 -4.57
CA LYS A 195 10.28 -20.08 -3.47
C LYS A 195 10.06 -19.26 -2.20
N ILE A 196 9.09 -18.34 -2.29
CA ILE A 196 8.84 -17.41 -1.20
C ILE A 196 8.37 -18.15 0.05
N THR A 197 7.81 -19.35 -0.10
CA THR A 197 7.40 -20.12 1.06
C THR A 197 8.59 -20.50 1.94
N ASP A 198 9.81 -20.57 1.39
CA ASP A 198 10.97 -20.83 2.23
C ASP A 198 11.21 -19.71 3.23
N TYR A 199 10.71 -18.51 2.94
CA TYR A 199 10.89 -17.35 3.79
C TYR A 199 9.61 -16.98 4.54
N ALA A 200 8.63 -17.88 4.57
CA ALA A 200 7.32 -17.55 5.15
C ALA A 200 7.44 -17.13 6.61
N GLU A 201 8.21 -17.90 7.40
CA GLU A 201 8.29 -17.63 8.84
C GLU A 201 9.01 -16.32 9.11
N GLU A 202 10.09 -16.05 8.36
CA GLU A 202 10.78 -14.78 8.48
C GLU A 202 9.87 -13.61 8.11
N LEU A 203 9.13 -13.75 7.02
CA LEU A 203 8.25 -12.67 6.57
C LEU A 203 7.11 -12.43 7.54
N LEU A 204 6.61 -13.49 8.18
CA LEU A 204 5.57 -13.32 9.19
C LEU A 204 6.13 -12.71 10.46
N ASN A 205 7.23 -13.27 10.96
CA ASN A 205 7.72 -12.89 12.28
C ASN A 205 8.32 -11.48 12.28
N ASP A 206 9.04 -11.12 11.22
CA ASP A 206 9.68 -9.81 11.19
C ASP A 206 8.69 -8.66 11.11
N LEU A 207 7.42 -8.95 10.75
CA LEU A 207 6.37 -7.94 10.83
C LEU A 207 6.30 -7.34 12.23
N ASP A 208 6.62 -8.14 13.26
CA ASP A 208 6.58 -7.62 14.63
C ASP A 208 7.58 -6.52 14.86
N LYS A 209 8.65 -6.44 14.05
CA LYS A 209 9.63 -5.38 14.20
C LYS A 209 9.09 -4.02 13.77
N LEU A 210 7.99 -4.00 13.01
CA LEU A 210 7.56 -2.80 12.30
C LEU A 210 6.57 -2.01 13.16
N GLU A 211 7.11 -1.37 14.19
CA GLU A 211 6.28 -0.62 15.13
C GLU A 211 5.76 0.68 14.52
N HIS A 212 6.28 1.11 13.37
CA HIS A 212 5.80 2.31 12.71
C HIS A 212 5.08 2.02 11.40
N TRP A 213 4.52 0.82 11.29
CA TRP A 213 3.61 0.41 10.24
C TRP A 213 2.19 0.40 10.78
N PRO A 214 1.20 0.79 9.97
CA PRO A 214 -0.19 0.66 10.41
C PRO A 214 -0.51 -0.78 10.75
N GLU A 215 -1.26 -0.97 11.84
CA GLU A 215 -1.56 -2.34 12.28
C GLU A 215 -2.35 -3.09 11.23
N GLN A 216 -3.18 -2.38 10.45
CA GLN A 216 -4.01 -3.06 9.45
C GLN A 216 -3.17 -3.62 8.31
N VAL A 217 -2.09 -2.94 7.94
CA VAL A 217 -1.24 -3.47 6.88
C VAL A 217 -0.54 -4.72 7.36
N LYS A 218 -0.02 -4.69 8.58
CA LYS A 218 0.62 -5.87 9.15
C LYS A 218 -0.38 -7.01 9.31
N THR A 219 -1.59 -6.69 9.78
CA THR A 219 -2.64 -7.70 9.87
C THR A 219 -2.94 -8.31 8.51
N MET A 220 -3.01 -7.48 7.46
CA MET A 220 -3.31 -8.02 6.14
C MET A 220 -2.19 -8.92 5.63
N GLN A 221 -0.95 -8.63 5.97
CA GLN A 221 0.15 -9.51 5.55
C GLN A 221 0.15 -10.81 6.34
N ARG A 222 -0.14 -10.74 7.64
CA ARG A 222 -0.23 -11.97 8.43
C ARG A 222 -1.32 -12.88 7.87
N ASN A 223 -2.47 -12.32 7.53
CA ASN A 223 -3.56 -13.11 6.96
C ASN A 223 -3.18 -13.69 5.61
N TRP A 224 -2.42 -12.93 4.81
CA TRP A 224 -2.04 -13.40 3.49
C TRP A 224 -1.05 -14.55 3.60
N ILE A 225 -0.03 -14.40 4.45
CA ILE A 225 0.89 -15.51 4.72
C ILE A 225 0.13 -16.71 5.29
N GLY A 226 -0.76 -16.45 6.26
CA GLY A 226 -1.71 -17.46 6.69
C GLY A 226 -1.09 -18.68 7.35
N LYS A 227 -0.18 -18.45 8.29
CA LYS A 227 0.36 -19.55 9.09
C LYS A 227 -0.72 -20.13 9.99
N SER A 228 -0.75 -21.45 10.12
CA SER A 228 -1.59 -22.08 11.11
C SER A 228 -0.84 -23.23 11.74
N ARG A 229 -1.10 -23.43 13.03
CA ARG A 229 -0.59 -24.59 13.78
C ARG A 229 -1.76 -25.54 13.95
N GLY A 230 -1.70 -26.69 13.29
CA GLY A 230 -2.83 -27.58 13.27
C GLY A 230 -2.44 -29.04 13.41
N MET A 231 -3.25 -29.91 12.83
CA MET A 231 -3.11 -31.34 13.02
C MET A 231 -3.38 -32.06 11.70
N THR A 232 -2.46 -32.93 11.32
CA THR A 232 -2.76 -33.94 10.31
C THR A 232 -3.56 -35.06 10.95
N VAL A 233 -4.67 -35.44 10.31
CA VAL A 233 -5.52 -36.53 10.81
C VAL A 233 -5.82 -37.47 9.67
N ARG A 234 -5.63 -38.75 9.88
CA ARG A 234 -5.91 -39.76 8.88
C ARG A 234 -7.14 -40.55 9.30
N PHE A 235 -8.16 -40.56 8.44
CA PHE A 235 -9.38 -41.33 8.63
C PHE A 235 -9.30 -42.57 7.75
N ALA A 236 -9.30 -43.75 8.36
CA ALA A 236 -9.24 -44.98 7.58
C ALA A 236 -10.45 -45.09 6.67
N VAL A 237 -10.21 -45.49 5.42
CA VAL A 237 -11.30 -45.69 4.47
C VAL A 237 -12.05 -46.97 4.83
N SER A 238 -13.38 -46.88 4.85
CA SER A 238 -14.20 -48.04 5.17
C SER A 238 -13.98 -49.15 4.15
N ASP A 239 -14.09 -50.41 4.63
CA ASP A 239 -13.85 -51.56 3.76
C ASP A 239 -14.76 -51.55 2.53
N ASP A 240 -15.94 -50.94 2.62
CA ASP A 240 -16.88 -50.91 1.50
C ASP A 240 -16.63 -49.75 0.55
N SER A 241 -15.63 -48.90 0.81
CA SER A 241 -15.45 -47.66 0.07
C SER A 241 -14.11 -47.59 -0.67
N LYS A 242 -13.49 -48.74 -0.96
CA LYS A 242 -12.13 -48.76 -1.47
C LYS A 242 -12.04 -49.02 -2.98
N GLN A 243 -13.16 -49.26 -3.66
CA GLN A 243 -13.14 -49.48 -5.10
C GLN A 243 -12.45 -48.32 -5.83
N GLY A 244 -11.54 -48.67 -6.75
CA GLY A 244 -10.86 -47.69 -7.58
C GLY A 244 -9.74 -46.92 -6.93
N LEU A 245 -9.37 -47.24 -5.69
CA LEU A 245 -8.35 -46.47 -4.97
C LEU A 245 -7.05 -47.26 -4.89
N GLU A 246 -5.94 -46.52 -4.88
CA GLU A 246 -4.61 -47.13 -4.91
C GLU A 246 -3.70 -46.47 -3.88
N GLY A 247 -2.75 -47.25 -3.38
CA GLY A 247 -1.77 -46.72 -2.46
C GLY A 247 -2.36 -46.36 -1.11
N ASP A 248 -1.82 -45.30 -0.51
CA ASP A 248 -2.35 -44.81 0.76
C ASP A 248 -3.78 -44.29 0.62
N TYR A 249 -4.22 -43.98 -0.60
CA TYR A 249 -5.58 -43.48 -0.78
C TYR A 249 -6.61 -44.57 -0.57
N ALA A 250 -6.24 -45.83 -0.79
CA ALA A 250 -7.10 -46.95 -0.44
C ALA A 250 -7.14 -47.20 1.06
N LYS A 251 -6.12 -46.75 1.79
CA LYS A 251 -6.00 -47.02 3.22
C LYS A 251 -6.65 -45.93 4.06
N PHE A 252 -6.38 -44.66 3.77
CA PHE A 252 -6.92 -43.60 4.60
C PHE A 252 -7.16 -42.34 3.80
N LEU A 253 -8.03 -41.50 4.34
CA LEU A 253 -8.18 -40.12 3.91
C LEU A 253 -7.45 -39.24 4.91
N GLN A 254 -6.42 -38.54 4.44
CA GLN A 254 -5.63 -37.65 5.29
C GLN A 254 -6.14 -36.23 5.13
N VAL A 255 -6.35 -35.54 6.25
CA VAL A 255 -6.82 -34.16 6.24
C VAL A 255 -5.89 -33.33 7.11
N TYR A 256 -6.01 -32.01 6.98
CA TYR A 256 -5.39 -31.08 7.90
C TYR A 256 -6.50 -30.27 8.55
N THR A 257 -6.43 -30.10 9.87
CA THR A 257 -7.38 -29.27 10.60
C THR A 257 -6.65 -28.37 11.59
N THR A 258 -7.12 -27.13 11.70
CA THR A 258 -6.63 -26.25 12.76
C THR A 258 -7.42 -26.40 14.05
N ARG A 259 -8.48 -27.22 14.07
CA ARG A 259 -9.29 -27.41 15.27
C ARG A 259 -9.39 -28.89 15.65
N PRO A 260 -8.26 -29.55 15.93
CA PRO A 260 -8.33 -30.95 16.36
C PRO A 260 -9.03 -31.16 17.68
N ASP A 261 -9.23 -30.09 18.46
CA ASP A 261 -10.02 -30.17 19.69
C ASP A 261 -11.48 -30.46 19.42
N THR A 262 -11.95 -30.27 18.18
CA THR A 262 -13.32 -30.53 17.80
C THR A 262 -13.47 -31.81 17.00
N LEU A 263 -12.41 -32.63 16.93
CA LEU A 263 -12.45 -33.82 16.09
C LEU A 263 -13.62 -34.73 16.47
N MET A 264 -13.97 -34.78 17.76
CA MET A 264 -15.11 -35.59 18.19
C MET A 264 -16.43 -35.10 17.59
N GLY A 265 -16.47 -33.88 17.06
CA GLY A 265 -17.66 -33.30 16.48
C GLY A 265 -17.71 -33.26 14.96
N ALA A 266 -16.78 -33.91 14.26
CA ALA A 266 -16.86 -33.99 12.81
C ALA A 266 -18.06 -34.84 12.41
N THR A 267 -18.81 -34.36 11.41
CA THR A 267 -19.99 -35.08 10.94
C THR A 267 -19.91 -35.49 9.47
N TYR A 268 -18.94 -34.99 8.71
CA TYR A 268 -18.61 -35.46 7.37
C TYR A 268 -17.22 -34.94 7.03
N VAL A 269 -16.70 -35.37 5.89
CA VAL A 269 -15.42 -34.88 5.38
C VAL A 269 -15.62 -34.44 3.92
N ALA A 270 -14.74 -33.56 3.47
CA ALA A 270 -14.85 -33.00 2.13
C ALA A 270 -13.50 -33.06 1.42
N VAL A 271 -13.53 -33.37 0.13
CA VAL A 271 -12.31 -33.52 -0.66
C VAL A 271 -12.39 -32.59 -1.86
N ALA A 272 -11.22 -32.26 -2.39
CA ALA A 272 -11.13 -31.45 -3.60
C ALA A 272 -11.61 -32.25 -4.81
N ALA A 273 -11.97 -31.51 -5.87
CA ALA A 273 -12.44 -32.14 -7.10
C ALA A 273 -11.40 -33.09 -7.68
N GLU A 274 -10.12 -32.83 -7.45
CA GLU A 274 -9.01 -33.61 -7.99
C GLU A 274 -8.58 -34.75 -7.06
N HIS A 275 -9.18 -34.86 -5.88
CA HIS A 275 -8.78 -35.89 -4.92
C HIS A 275 -9.06 -37.28 -5.49
N PRO A 276 -8.18 -38.25 -5.26
CA PRO A 276 -8.43 -39.61 -5.77
C PRO A 276 -9.76 -40.19 -5.31
N LEU A 277 -10.24 -39.83 -4.12
CA LEU A 277 -11.57 -40.29 -3.70
C LEU A 277 -12.66 -39.70 -4.59
N ALA A 278 -12.55 -38.42 -4.95
CA ALA A 278 -13.49 -37.84 -5.90
C ALA A 278 -13.45 -38.58 -7.23
N THR A 279 -12.24 -38.86 -7.73
CA THR A 279 -12.12 -39.58 -9.00
C THR A 279 -12.76 -40.96 -8.91
N ALA A 280 -12.47 -41.71 -7.84
CA ALA A 280 -13.00 -43.07 -7.74
C ALA A 280 -14.52 -43.06 -7.57
N ALA A 281 -15.06 -42.18 -6.74
CA ALA A 281 -16.52 -42.11 -6.58
C ALA A 281 -17.20 -41.64 -7.86
N ALA A 282 -16.56 -40.76 -8.63
CA ALA A 282 -17.16 -40.22 -9.83
C ALA A 282 -17.14 -41.19 -11.01
N ALA A 283 -16.45 -42.33 -10.87
CA ALA A 283 -16.22 -43.21 -12.01
C ALA A 283 -17.52 -43.69 -12.65
N ASP A 284 -18.59 -43.83 -11.87
CA ASP A 284 -19.86 -44.33 -12.40
C ASP A 284 -21.03 -43.41 -12.07
N LYS A 285 -20.76 -42.16 -11.69
CA LYS A 285 -21.81 -41.22 -11.27
C LYS A 285 -21.68 -39.94 -12.07
N PRO A 286 -22.51 -39.75 -13.10
CA PRO A 286 -22.34 -38.56 -13.97
C PRO A 286 -22.49 -37.23 -13.25
N GLU A 287 -23.32 -37.15 -12.21
CA GLU A 287 -23.43 -35.89 -11.48
C GLU A 287 -22.10 -35.51 -10.84
N LEU A 288 -21.36 -36.49 -10.31
CA LEU A 288 -20.06 -36.18 -9.74
C LEU A 288 -19.08 -35.73 -10.82
N GLN A 289 -19.08 -36.40 -11.97
CA GLN A 289 -18.21 -36.01 -13.07
C GLN A 289 -18.45 -34.55 -13.48
N ALA A 290 -19.72 -34.16 -13.60
CA ALA A 290 -20.03 -32.78 -13.93
C ALA A 290 -19.62 -31.82 -12.82
N PHE A 291 -19.79 -32.23 -11.56
CA PHE A 291 -19.39 -31.36 -10.47
C PHE A 291 -17.89 -31.18 -10.44
N ILE A 292 -17.14 -32.24 -10.70
CA ILE A 292 -15.68 -32.11 -10.77
C ILE A 292 -15.29 -31.21 -11.93
N ALA A 293 -15.95 -31.37 -13.08
CA ALA A 293 -15.61 -30.55 -14.25
C ALA A 293 -15.87 -29.07 -13.98
N GLU A 294 -16.95 -28.75 -13.24
CA GLU A 294 -17.25 -27.35 -12.94
C GLU A 294 -16.20 -26.75 -12.00
N CYS A 295 -15.78 -27.52 -10.99
CA CYS A 295 -14.74 -27.04 -10.08
C CYS A 295 -13.47 -26.71 -10.85
N LYS A 296 -13.05 -27.59 -11.76
CA LYS A 296 -11.81 -27.38 -12.50
C LYS A 296 -11.91 -26.18 -13.44
N ALA A 297 -13.09 -25.92 -13.99
CA ALA A 297 -13.29 -24.82 -14.92
C ALA A 297 -13.38 -23.45 -14.24
N GLY A 298 -13.49 -23.39 -12.91
CA GLY A 298 -13.62 -22.11 -12.24
C GLY A 298 -12.33 -21.29 -12.29
N SER A 299 -12.51 -19.97 -12.27
CA SER A 299 -11.39 -19.02 -12.24
C SER A 299 -11.68 -17.92 -11.21
N VAL A 300 -11.79 -18.31 -9.95
CA VAL A 300 -12.14 -17.38 -8.87
C VAL A 300 -10.85 -16.69 -8.40
N ALA A 301 -10.87 -15.36 -8.41
CA ALA A 301 -9.75 -14.62 -7.85
C ALA A 301 -9.67 -14.83 -6.34
N GLU A 302 -8.49 -14.59 -5.78
CA GLU A 302 -8.28 -14.89 -4.36
C GLU A 302 -9.08 -13.95 -3.48
N ALA A 303 -9.13 -12.65 -3.83
CA ALA A 303 -9.92 -11.69 -3.08
C ALA A 303 -11.41 -12.01 -3.09
N ASP A 304 -11.85 -12.98 -3.90
CA ASP A 304 -13.25 -13.36 -4.00
C ASP A 304 -13.52 -14.79 -3.56
N MET A 305 -12.49 -15.56 -3.19
CA MET A 305 -12.66 -16.98 -2.87
C MET A 305 -13.68 -17.18 -1.75
N ALA A 306 -13.61 -16.36 -0.69
CA ALA A 306 -14.50 -16.55 0.45
C ALA A 306 -15.94 -16.15 0.12
N THR A 307 -16.16 -15.33 -0.90
CA THR A 307 -17.50 -14.88 -1.25
C THR A 307 -18.24 -15.86 -2.18
N MET A 308 -17.55 -16.81 -2.79
CA MET A 308 -18.24 -17.68 -3.72
C MET A 308 -19.12 -18.67 -2.96
N GLU A 309 -20.24 -19.02 -3.58
CA GLU A 309 -21.17 -19.96 -2.96
C GLU A 309 -20.52 -21.33 -2.80
N LYS A 310 -20.61 -21.87 -1.59
CA LYS A 310 -20.00 -23.16 -1.29
C LYS A 310 -21.01 -24.27 -1.62
N LYS A 311 -20.54 -25.25 -2.42
CA LYS A 311 -21.40 -26.31 -2.91
C LYS A 311 -20.64 -27.63 -2.83
N GLY A 312 -21.39 -28.73 -2.74
CA GLY A 312 -20.78 -30.04 -2.71
C GLY A 312 -21.73 -31.11 -3.17
N VAL A 313 -21.19 -32.31 -3.32
CA VAL A 313 -21.98 -33.50 -3.66
C VAL A 313 -21.53 -34.67 -2.79
N PRO A 314 -22.44 -35.50 -2.30
CA PRO A 314 -22.03 -36.71 -1.59
C PRO A 314 -21.45 -37.71 -2.57
N THR A 315 -20.51 -38.53 -2.08
CA THR A 315 -19.87 -39.51 -2.94
C THR A 315 -20.36 -40.93 -2.72
N GLY A 316 -21.04 -41.20 -1.60
CA GLY A 316 -21.31 -42.58 -1.23
C GLY A 316 -20.13 -43.33 -0.65
N ARG A 317 -19.01 -42.66 -0.39
CA ARG A 317 -17.84 -43.28 0.23
C ARG A 317 -17.71 -42.81 1.66
N TYR A 318 -17.17 -43.68 2.52
CA TYR A 318 -17.15 -43.44 3.95
C TYR A 318 -15.76 -43.66 4.53
N VAL A 319 -15.43 -42.85 5.53
CA VAL A 319 -14.19 -42.95 6.29
C VAL A 319 -14.56 -43.05 7.76
N VAL A 320 -13.60 -43.48 8.58
CA VAL A 320 -13.81 -43.70 10.01
C VAL A 320 -13.01 -42.69 10.81
N ASN A 321 -13.70 -41.97 11.68
CA ASN A 321 -13.05 -41.04 12.61
C ASN A 321 -12.15 -41.83 13.56
N PRO A 322 -10.84 -41.60 13.57
CA PRO A 322 -9.94 -42.43 14.38
C PRO A 322 -10.13 -42.26 15.89
N LEU A 323 -10.89 -41.26 16.32
CA LEU A 323 -11.09 -41.02 17.75
C LEU A 323 -12.35 -41.70 18.27
N ASN A 324 -13.51 -41.41 17.68
CA ASN A 324 -14.78 -41.92 18.20
C ASN A 324 -15.33 -43.09 17.40
N GLY A 325 -14.69 -43.44 16.28
CA GLY A 325 -15.13 -44.56 15.48
C GLY A 325 -16.28 -44.29 14.53
N ASP A 326 -16.80 -43.06 14.48
CA ASP A 326 -17.93 -42.76 13.63
C ASP A 326 -17.56 -42.94 12.16
N LYS A 327 -18.50 -43.50 11.40
CA LYS A 327 -18.36 -43.62 9.95
C LYS A 327 -18.94 -42.36 9.32
N LEU A 328 -18.11 -41.63 8.56
CA LEU A 328 -18.45 -40.32 8.03
C LEU A 328 -18.44 -40.34 6.51
N GLU A 329 -19.44 -39.71 5.89
CA GLU A 329 -19.50 -39.70 4.43
C GLU A 329 -18.56 -38.64 3.85
N VAL A 330 -17.90 -39.01 2.76
CA VAL A 330 -17.02 -38.13 2.01
C VAL A 330 -17.84 -37.34 1.01
N TRP A 331 -17.72 -36.02 1.05
CA TRP A 331 -18.30 -35.13 0.07
C TRP A 331 -17.19 -34.55 -0.81
N ILE A 332 -17.53 -34.25 -2.07
CA ILE A 332 -16.69 -33.37 -2.88
C ILE A 332 -17.22 -31.97 -2.71
N ALA A 333 -16.33 -31.01 -2.45
CA ALA A 333 -16.77 -29.64 -2.22
C ALA A 333 -15.92 -28.68 -3.04
N ASN A 334 -16.52 -27.54 -3.42
CA ASN A 334 -15.80 -26.60 -4.26
C ASN A 334 -14.89 -25.68 -3.48
N TYR A 335 -14.99 -25.63 -2.15
CA TYR A 335 -14.11 -24.77 -1.37
C TYR A 335 -12.82 -25.49 -0.95
N VAL A 336 -12.68 -26.77 -1.26
CA VAL A 336 -11.48 -27.51 -0.94
C VAL A 336 -10.56 -27.48 -2.15
N LEU A 337 -9.38 -26.89 -1.98
CA LEU A 337 -8.48 -26.58 -3.07
C LEU A 337 -7.36 -27.61 -3.12
N TRP A 338 -7.21 -28.27 -4.26
CA TRP A 338 -6.09 -29.17 -4.46
C TRP A 338 -4.78 -28.37 -4.45
N GLY A 339 -3.80 -28.86 -3.69
CA GLY A 339 -2.56 -28.14 -3.50
C GLY A 339 -2.46 -27.41 -2.18
N TYR A 340 -3.59 -27.12 -1.55
CA TYR A 340 -3.62 -26.63 -0.17
C TYR A 340 -3.72 -27.83 0.76
N GLY A 341 -2.69 -28.03 1.59
CA GLY A 341 -2.70 -29.16 2.49
C GLY A 341 -2.79 -30.48 1.74
N ASP A 342 -3.70 -31.35 2.20
CA ASP A 342 -3.94 -32.63 1.57
C ASP A 342 -5.05 -32.57 0.54
N GLY A 343 -5.57 -31.38 0.25
CA GLY A 343 -6.74 -31.30 -0.61
C GLY A 343 -7.94 -32.02 -0.04
N ALA A 344 -8.10 -31.96 1.28
CA ALA A 344 -9.13 -32.70 1.99
C ALA A 344 -9.24 -32.12 3.39
N VAL A 345 -10.47 -31.97 3.88
CA VAL A 345 -10.74 -31.37 5.19
C VAL A 345 -11.79 -32.19 5.90
N MET A 346 -11.89 -31.98 7.20
CA MET A 346 -13.02 -32.44 7.99
C MET A 346 -13.92 -31.26 8.27
N ALA A 347 -15.18 -31.54 8.57
CA ALA A 347 -16.18 -30.49 8.82
C ALA A 347 -16.76 -30.65 10.21
N VAL A 348 -16.77 -29.56 10.97
CA VAL A 348 -17.42 -29.53 12.28
C VAL A 348 -18.46 -28.40 12.24
N PRO A 349 -19.69 -28.68 11.80
CA PRO A 349 -20.66 -27.58 11.59
C PRO A 349 -21.01 -26.81 12.85
N ALA A 350 -20.85 -27.40 14.04
CA ALA A 350 -21.21 -26.69 15.26
C ALA A 350 -20.21 -25.61 15.64
N HIS A 351 -18.99 -25.62 15.08
CA HIS A 351 -17.97 -24.71 15.58
C HIS A 351 -17.14 -24.05 14.48
N ASP A 352 -17.56 -24.18 13.22
CA ASP A 352 -16.95 -23.48 12.11
C ASP A 352 -18.08 -22.95 11.25
N GLU A 353 -18.09 -21.64 11.01
CA GLU A 353 -19.27 -21.02 10.42
C GLU A 353 -19.50 -21.49 8.98
N ARG A 354 -18.43 -21.69 8.22
CA ARG A 354 -18.59 -22.18 6.86
C ARG A 354 -19.15 -23.60 6.86
N ASP A 355 -18.68 -24.44 7.78
CA ASP A 355 -19.26 -25.78 7.93
C ASP A 355 -20.72 -25.69 8.36
N PHE A 356 -21.03 -24.74 9.24
CA PHE A 356 -22.42 -24.56 9.68
C PHE A 356 -23.33 -24.27 8.49
N GLU A 357 -22.97 -23.30 7.65
CA GLU A 357 -23.81 -22.95 6.51
C GLU A 357 -23.88 -24.09 5.50
N PHE A 358 -22.76 -24.78 5.27
CA PHE A 358 -22.75 -25.93 4.39
C PHE A 358 -23.69 -27.01 4.89
N ALA A 359 -23.55 -27.39 6.17
CA ALA A 359 -24.41 -28.43 6.73
C ALA A 359 -25.87 -28.00 6.74
N ALA A 360 -26.13 -26.71 6.99
CA ALA A 360 -27.50 -26.21 6.99
C ALA A 360 -28.12 -26.32 5.60
N LYS A 361 -27.33 -26.08 4.56
CA LYS A 361 -27.82 -26.19 3.19
C LYS A 361 -28.24 -27.60 2.88
N TYR A 362 -27.43 -28.58 3.30
CA TYR A 362 -27.60 -29.98 2.92
C TYR A 362 -28.20 -30.81 4.05
N ASN A 363 -28.65 -30.18 5.14
CA ASN A 363 -29.20 -30.88 6.29
C ASN A 363 -28.24 -31.97 6.81
N LEU A 364 -26.97 -31.63 6.88
CA LEU A 364 -25.98 -32.52 7.45
C LEU A 364 -25.93 -32.32 8.96
N PRO A 365 -25.49 -33.32 9.73
CA PRO A 365 -25.58 -33.20 11.19
C PRO A 365 -24.63 -32.15 11.75
N LYS A 366 -25.01 -31.61 12.91
CA LYS A 366 -24.16 -30.71 13.68
C LYS A 366 -24.07 -31.24 15.10
N LYS A 367 -22.85 -31.50 15.58
CA LYS A 367 -22.61 -32.03 16.91
C LYS A 367 -21.81 -31.01 17.72
N GLN A 368 -22.41 -30.53 18.79
CA GLN A 368 -21.71 -29.61 19.68
C GLN A 368 -20.65 -30.36 20.49
N VAL A 369 -19.42 -29.85 20.47
CA VAL A 369 -18.36 -30.42 21.28
C VAL A 369 -17.65 -29.34 22.09
N ILE A 370 -17.99 -28.09 21.85
CA ILE A 370 -17.46 -26.98 22.64
C ILE A 370 -18.60 -26.33 23.41
N ALA A 371 -18.34 -25.97 24.65
CA ALA A 371 -19.26 -25.19 25.48
C ALA A 371 -18.55 -23.96 26.00
N VAL A 372 -19.27 -22.84 26.05
CA VAL A 372 -18.72 -21.58 26.59
C VAL A 372 -19.71 -21.09 27.63
N GLY A 373 -19.34 -21.22 28.91
CA GLY A 373 -20.23 -20.85 29.99
C GLY A 373 -21.50 -21.67 29.96
N ASP A 374 -22.60 -21.07 30.39
CA ASP A 374 -23.92 -21.67 30.30
C ASP A 374 -24.70 -21.14 29.11
N ASN A 375 -24.00 -20.75 28.04
CA ASN A 375 -24.67 -20.26 26.83
C ASN A 375 -25.45 -21.38 26.16
N ALA A 376 -26.58 -21.01 25.57
CA ALA A 376 -27.43 -21.96 24.88
C ALA A 376 -26.85 -22.29 23.52
N PHE A 377 -26.75 -23.59 23.22
CA PHE A 377 -26.39 -24.04 21.88
C PHE A 377 -27.66 -24.33 21.11
N ASP A 378 -27.82 -23.70 19.94
CA ASP A 378 -28.96 -23.95 19.07
C ASP A 378 -28.44 -24.37 17.70
N ALA A 379 -28.71 -25.63 17.34
CA ALA A 379 -28.23 -26.17 16.07
C ALA A 379 -28.81 -25.46 14.86
N ASN A 380 -29.90 -24.70 15.04
CA ASN A 380 -30.55 -24.04 13.91
C ASN A 380 -30.02 -22.65 13.61
N ARG A 381 -29.29 -22.01 14.54
CA ARG A 381 -28.79 -20.66 14.32
C ARG A 381 -27.36 -20.54 14.80
N TRP A 382 -26.50 -19.96 13.96
CA TRP A 382 -25.10 -19.77 14.34
C TRP A 382 -24.97 -18.60 15.32
N GLN A 383 -24.26 -18.86 16.42
CA GLN A 383 -23.83 -17.81 17.35
C GLN A 383 -22.31 -17.72 17.31
N GLU A 384 -21.80 -16.51 17.57
CA GLU A 384 -20.37 -16.30 17.43
C GLU A 384 -19.57 -17.14 18.41
N TRP A 385 -20.12 -17.41 19.59
CA TRP A 385 -19.37 -18.18 20.57
C TRP A 385 -19.13 -19.61 20.11
N TYR A 386 -19.84 -20.07 19.08
CA TYR A 386 -19.60 -21.40 18.54
C TYR A 386 -18.13 -21.58 18.14
N GLY A 387 -17.54 -20.53 17.55
CA GLY A 387 -16.16 -20.57 17.11
C GLY A 387 -15.12 -20.15 18.12
N ASP A 388 -15.51 -19.91 19.37
CA ASP A 388 -14.58 -19.42 20.38
C ASP A 388 -13.52 -20.46 20.69
N LYS A 389 -12.24 -20.05 20.61
CA LYS A 389 -11.13 -20.92 20.97
C LYS A 389 -10.56 -20.64 22.35
N GLU A 390 -10.71 -19.40 22.86
CA GLU A 390 -10.04 -19.03 24.09
C GLU A 390 -10.83 -19.45 25.32
N ASN A 391 -12.15 -19.32 25.28
CA ASN A 391 -12.98 -19.44 26.48
C ASN A 391 -13.88 -20.67 26.43
N GLY A 392 -13.51 -21.68 25.65
CA GLY A 392 -14.33 -22.85 25.50
C GLY A 392 -13.83 -24.07 26.26
N VAL A 393 -14.75 -25.00 26.49
CA VAL A 393 -14.46 -26.27 27.14
C VAL A 393 -15.14 -27.38 26.34
N LEU A 394 -14.48 -28.53 26.24
CA LEU A 394 -15.02 -29.63 25.45
C LEU A 394 -16.18 -30.33 26.14
N VAL A 395 -17.17 -30.72 25.33
CA VAL A 395 -18.30 -31.53 25.78
C VAL A 395 -18.59 -32.56 24.69
N ASN A 396 -19.34 -33.60 25.05
CA ASN A 396 -19.66 -34.69 24.12
C ASN A 396 -18.41 -35.28 23.48
N SER A 397 -17.30 -35.32 24.23
CA SER A 397 -16.03 -35.75 23.66
C SER A 397 -15.38 -36.86 24.49
N GLY A 398 -16.20 -37.66 25.17
CA GLY A 398 -15.65 -38.77 25.94
C GLY A 398 -14.71 -38.28 27.01
N ASP A 399 -13.52 -38.87 27.03
CA ASP A 399 -12.52 -38.54 28.05
C ASP A 399 -11.85 -37.19 27.83
N LEU A 400 -12.16 -36.52 26.71
CA LEU A 400 -11.66 -35.17 26.44
C LEU A 400 -12.52 -34.08 27.06
N ASP A 401 -13.69 -34.42 27.60
CA ASP A 401 -14.57 -33.42 28.17
C ASP A 401 -13.87 -32.64 29.26
N GLY A 402 -14.15 -31.33 29.34
CA GLY A 402 -13.60 -30.48 30.36
C GLY A 402 -12.32 -29.75 29.97
N LEU A 403 -11.65 -30.19 28.92
CA LEU A 403 -10.37 -29.60 28.52
C LEU A 403 -10.58 -28.28 27.78
N ASP A 404 -9.60 -27.39 27.89
CA ASP A 404 -9.61 -26.17 27.10
C ASP A 404 -8.95 -26.46 25.75
N PHE A 405 -8.82 -25.42 24.93
CA PHE A 405 -8.34 -25.61 23.56
C PHE A 405 -6.96 -26.28 23.54
N GLN A 406 -5.99 -25.70 24.24
CA GLN A 406 -4.62 -26.17 24.09
C GLN A 406 -4.42 -27.55 24.70
N THR A 407 -5.01 -27.79 25.87
CA THR A 407 -4.89 -29.10 26.50
C THR A 407 -5.58 -30.17 25.65
N ALA A 408 -6.74 -29.83 25.05
CA ALA A 408 -7.40 -30.77 24.15
C ALA A 408 -6.56 -31.01 22.90
N PHE A 409 -5.89 -29.96 22.40
CA PHE A 409 -5.03 -30.10 21.23
C PHE A 409 -3.94 -31.14 21.48
N ASP A 410 -3.22 -31.00 22.60
CA ASP A 410 -2.14 -31.93 22.92
C ASP A 410 -2.68 -33.33 23.20
N ALA A 411 -3.84 -33.41 23.86
CA ALA A 411 -4.41 -34.72 24.15
C ALA A 411 -4.76 -35.47 22.86
N VAL A 412 -5.34 -34.76 21.89
CA VAL A 412 -5.65 -35.36 20.60
C VAL A 412 -4.39 -35.70 19.82
N ALA A 413 -3.39 -34.83 19.89
CA ALA A 413 -2.09 -35.14 19.30
C ALA A 413 -1.52 -36.43 19.87
N ALA A 414 -1.53 -36.56 21.20
CA ALA A 414 -1.04 -37.78 21.83
C ALA A 414 -1.82 -39.00 21.36
N LYS A 415 -3.16 -38.91 21.40
CA LYS A 415 -3.97 -40.06 21.02
C LYS A 415 -3.69 -40.47 19.58
N LEU A 416 -3.69 -39.50 18.66
CA LEU A 416 -3.47 -39.79 17.25
C LEU A 416 -2.06 -40.32 17.01
N GLN A 417 -1.06 -39.72 17.65
CA GLN A 417 0.32 -40.12 17.40
C GLN A 417 0.57 -41.56 17.86
N SER A 418 -0.02 -41.95 19.00
CA SER A 418 0.15 -43.30 19.48
C SER A 418 -0.53 -44.31 18.55
N GLN A 419 -1.66 -43.93 17.96
CA GLN A 419 -2.33 -44.79 16.98
C GLN A 419 -1.61 -44.81 15.64
N GLY A 420 -0.74 -43.84 15.37
CA GLY A 420 -0.25 -43.66 14.03
C GLY A 420 -1.24 -43.00 13.09
N ALA A 421 -2.23 -42.28 13.60
CA ALA A 421 -3.31 -41.71 12.81
C ALA A 421 -3.18 -40.21 12.58
N GLY A 422 -2.15 -39.57 13.10
CA GLY A 422 -2.03 -38.15 12.94
C GLY A 422 -0.85 -37.60 13.74
N GLU A 423 -0.60 -36.32 13.53
CA GLU A 423 0.51 -35.63 14.17
C GLU A 423 0.37 -34.12 14.00
N PRO A 424 0.94 -33.31 14.90
CA PRO A 424 0.91 -31.86 14.71
C PRO A 424 1.56 -31.48 13.39
N LYS A 425 1.15 -30.34 12.85
CA LYS A 425 1.67 -29.88 11.58
C LYS A 425 1.41 -28.39 11.42
N THR A 426 2.37 -27.71 10.81
CA THR A 426 2.28 -26.29 10.53
C THR A 426 2.06 -26.09 9.02
N GLN A 427 1.06 -25.29 8.67
CA GLN A 427 0.76 -24.98 7.29
C GLN A 427 0.78 -23.47 7.07
N TYR A 428 0.90 -23.08 5.80
CA TYR A 428 0.85 -21.70 5.37
C TYR A 428 -0.08 -21.60 4.17
N ARG A 429 -0.95 -20.58 4.17
CA ARG A 429 -1.75 -20.32 2.97
C ARG A 429 -0.87 -19.82 1.82
N LEU A 430 0.19 -19.07 2.13
CA LEU A 430 1.11 -18.50 1.14
C LEU A 430 1.47 -19.50 0.05
N ARG A 431 1.33 -19.07 -1.20
CA ARG A 431 1.76 -19.84 -2.36
C ARG A 431 3.11 -19.31 -2.82
N ASP A 432 3.82 -20.13 -3.60
CA ASP A 432 5.03 -19.62 -4.23
C ASP A 432 4.68 -18.57 -5.28
N TRP A 433 5.64 -17.70 -5.56
CA TRP A 433 5.42 -16.52 -6.39
C TRP A 433 5.73 -16.88 -7.85
N GLY A 434 4.68 -17.01 -8.66
CA GLY A 434 4.86 -17.22 -10.08
C GLY A 434 5.26 -15.93 -10.79
N ILE A 435 6.40 -15.94 -11.49
CA ILE A 435 6.91 -14.73 -12.11
C ILE A 435 6.88 -14.77 -13.63
N SER A 436 6.48 -15.88 -14.24
CA SER A 436 6.44 -15.96 -15.69
C SER A 436 5.27 -15.17 -16.24
N ARG A 437 5.53 -14.33 -17.22
CA ARG A 437 4.48 -13.58 -17.91
C ARG A 437 4.62 -13.80 -19.40
N GLN A 438 3.49 -14.08 -20.05
CA GLN A 438 3.46 -14.28 -21.50
C GLN A 438 3.16 -12.96 -22.19
N ARG A 439 4.05 -11.99 -21.94
CA ARG A 439 3.96 -10.63 -22.44
C ARG A 439 5.31 -10.20 -22.98
N TYR A 440 5.29 -9.20 -23.85
CA TYR A 440 6.51 -8.69 -24.46
C TYR A 440 7.19 -7.62 -23.60
N TRP A 441 6.44 -6.61 -23.15
CA TRP A 441 7.03 -5.40 -22.55
C TRP A 441 7.36 -5.67 -21.08
N GLY A 442 8.46 -6.39 -20.87
CA GLY A 442 8.88 -6.78 -19.53
C GLY A 442 10.30 -7.32 -19.59
N CYS A 443 10.85 -7.58 -18.40
CA CYS A 443 12.25 -8.00 -18.29
C CYS A 443 12.41 -9.44 -18.80
N PRO A 444 13.25 -9.67 -19.80
CA PRO A 444 13.49 -11.06 -20.25
C PRO A 444 13.99 -11.93 -19.11
N ILE A 445 13.55 -13.18 -19.11
CA ILE A 445 14.01 -14.17 -18.13
C ILE A 445 15.35 -14.70 -18.63
N PRO A 446 16.40 -14.64 -17.83
CA PRO A 446 17.75 -14.97 -18.33
C PRO A 446 18.04 -16.47 -18.29
N ILE A 447 17.28 -17.23 -19.08
CA ILE A 447 17.41 -18.67 -19.19
C ILE A 447 17.52 -19.01 -20.67
N VAL A 448 18.43 -19.93 -21.01
CA VAL A 448 18.52 -20.49 -22.36
C VAL A 448 18.23 -21.99 -22.27
N HIS A 449 17.36 -22.48 -23.15
CA HIS A 449 16.96 -23.87 -23.17
C HIS A 449 17.83 -24.64 -24.18
N CYS A 450 18.52 -25.66 -23.70
CA CYS A 450 19.38 -26.49 -24.54
C CYS A 450 18.97 -27.94 -24.37
N GLU A 451 18.81 -28.66 -25.47
CA GLU A 451 18.41 -30.06 -25.37
C GLU A 451 19.48 -30.93 -24.74
N LYS A 452 20.73 -30.47 -24.71
CA LYS A 452 21.78 -31.21 -24.02
C LYS A 452 21.94 -30.76 -22.56
N CYS A 453 21.91 -29.46 -22.30
CA CYS A 453 22.28 -28.92 -21.00
C CYS A 453 21.08 -28.56 -20.12
N GLY A 454 19.87 -28.55 -20.67
CA GLY A 454 18.68 -28.18 -19.92
C GLY A 454 18.38 -26.70 -19.91
N ASN A 455 17.70 -26.22 -18.86
CA ASN A 455 17.48 -24.79 -18.64
C ASN A 455 18.74 -24.20 -18.03
N VAL A 456 19.44 -23.38 -18.77
CA VAL A 456 20.76 -22.87 -18.40
C VAL A 456 20.64 -21.39 -18.10
N PRO A 457 21.08 -20.91 -16.94
CA PRO A 457 21.08 -19.47 -16.70
C PRO A 457 22.13 -18.79 -17.56
N VAL A 458 21.80 -17.58 -18.00
CA VAL A 458 22.78 -16.78 -18.75
C VAL A 458 23.92 -16.38 -17.82
N PRO A 459 25.18 -16.56 -18.21
CA PRO A 459 26.29 -16.19 -17.32
C PRO A 459 26.29 -14.70 -17.05
N ALA A 460 26.90 -14.33 -15.92
CA ALA A 460 26.88 -12.93 -15.50
C ALA A 460 27.60 -12.03 -16.49
N ASP A 461 28.64 -12.53 -17.18
CA ASP A 461 29.33 -11.72 -18.17
C ASP A 461 28.43 -11.35 -19.35
N GLN A 462 27.40 -12.15 -19.60
CA GLN A 462 26.54 -11.94 -20.76
C GLN A 462 25.31 -11.13 -20.43
N LEU A 463 25.10 -10.78 -19.16
CA LEU A 463 23.91 -10.02 -18.83
C LEU A 463 24.14 -8.53 -19.12
N PRO A 464 23.09 -7.79 -19.50
CA PRO A 464 21.70 -8.25 -19.60
C PRO A 464 21.38 -9.11 -20.82
N VAL A 465 20.28 -9.85 -20.74
CA VAL A 465 19.55 -10.27 -21.93
C VAL A 465 18.65 -9.10 -22.33
N VAL A 466 19.00 -8.44 -23.43
CA VAL A 466 18.36 -7.18 -23.81
C VAL A 466 17.02 -7.46 -24.50
N LEU A 467 15.95 -6.93 -23.94
CA LEU A 467 14.67 -6.89 -24.64
C LEU A 467 14.78 -5.98 -25.85
N PRO A 468 14.55 -6.46 -27.07
CA PRO A 468 14.59 -5.55 -28.23
C PRO A 468 13.45 -4.55 -28.15
N GLU A 469 13.79 -3.27 -28.34
CA GLU A 469 12.80 -2.20 -28.24
C GLU A 469 12.09 -1.91 -29.55
N ASN A 470 12.60 -2.45 -30.66
CA ASN A 470 12.05 -2.16 -31.99
C ASN A 470 10.97 -3.19 -32.32
N VAL A 471 9.86 -3.08 -31.61
CA VAL A 471 8.78 -4.07 -31.66
C VAL A 471 7.46 -3.33 -31.50
N VAL A 472 6.47 -3.70 -32.29
CA VAL A 472 5.12 -3.16 -32.17
C VAL A 472 4.16 -4.34 -32.00
N PRO A 473 3.80 -4.67 -30.76
CA PRO A 473 2.93 -5.84 -30.53
C PRO A 473 1.62 -5.71 -31.30
N ASP A 474 1.14 -6.85 -31.80
CA ASP A 474 0.03 -6.91 -32.74
C ASP A 474 -1.26 -7.46 -32.15
N GLY A 475 -1.19 -8.27 -31.10
CA GLY A 475 -2.37 -8.87 -30.52
C GLY A 475 -2.68 -10.27 -31.02
N MET A 476 -1.69 -10.98 -31.54
CA MET A 476 -1.83 -12.36 -32.01
C MET A 476 -0.73 -13.22 -31.41
N GLY A 477 -0.58 -13.14 -30.10
CA GLY A 477 0.43 -13.89 -29.39
C GLY A 477 1.54 -12.98 -28.88
N SER A 478 2.32 -13.52 -27.94
CA SER A 478 3.43 -12.79 -27.36
C SER A 478 4.50 -12.55 -28.42
N PRO A 479 4.88 -11.30 -28.70
CA PRO A 479 5.84 -11.04 -29.79
C PRO A 479 7.14 -11.81 -29.70
N LEU A 480 7.69 -12.01 -28.49
CA LEU A 480 9.00 -12.65 -28.38
C LEU A 480 8.98 -14.08 -28.88
N ALA A 481 7.87 -14.79 -28.67
CA ALA A 481 7.75 -16.15 -29.18
C ALA A 481 7.74 -16.21 -30.71
N LYS A 482 7.47 -15.09 -31.38
CA LYS A 482 7.42 -15.06 -32.84
C LYS A 482 8.68 -14.45 -33.46
N MET A 483 9.74 -14.25 -32.68
CA MET A 483 10.94 -13.55 -33.13
C MET A 483 12.16 -14.46 -33.01
N PRO A 484 12.44 -15.27 -34.03
CA PRO A 484 13.65 -16.11 -33.96
C PRO A 484 14.93 -15.31 -33.85
N GLU A 485 14.93 -14.07 -34.37
CA GLU A 485 16.10 -13.22 -34.22
C GLU A 485 16.42 -12.97 -32.75
N PHE A 486 15.42 -13.09 -31.88
CA PHE A 486 15.66 -12.97 -30.45
C PHE A 486 15.94 -14.34 -29.81
N TYR A 487 15.07 -15.34 -30.02
CA TYR A 487 15.18 -16.54 -29.22
C TYR A 487 16.19 -17.56 -29.75
N GLU A 488 16.52 -17.55 -31.03
CA GLU A 488 17.52 -18.48 -31.53
C GLU A 488 18.91 -18.02 -31.09
N THR A 489 19.64 -18.89 -30.40
CA THR A 489 20.93 -18.51 -29.84
C THR A 489 21.78 -19.77 -29.67
N SER A 490 22.96 -19.61 -29.07
CA SER A 490 23.83 -20.72 -28.73
CA SER A 490 23.82 -20.73 -28.75
C SER A 490 23.79 -20.97 -27.23
N CYS A 491 23.93 -22.24 -26.86
CA CYS A 491 23.94 -22.56 -25.43
C CYS A 491 25.20 -22.02 -24.78
N PRO A 492 25.11 -21.21 -23.72
CA PRO A 492 26.33 -20.74 -23.06
C PRO A 492 27.12 -21.83 -22.34
N CYS A 493 26.59 -23.04 -22.20
CA CYS A 493 27.38 -24.11 -21.60
C CYS A 493 28.09 -24.97 -22.64
N CYS A 494 27.46 -25.21 -23.79
CA CYS A 494 28.07 -26.10 -24.77
C CYS A 494 28.20 -25.50 -26.17
N GLY A 495 27.69 -24.30 -26.41
CA GLY A 495 27.75 -23.71 -27.74
C GLY A 495 26.83 -24.33 -28.78
N GLY A 496 25.95 -25.26 -28.38
CA GLY A 496 25.04 -25.85 -29.33
C GLY A 496 23.82 -24.98 -29.59
N ALA A 497 23.03 -25.38 -30.59
CA ALA A 497 21.79 -24.69 -30.89
C ALA A 497 20.87 -24.68 -29.68
N ALA A 498 20.30 -23.52 -29.39
CA ALA A 498 19.49 -23.37 -28.18
C ALA A 498 18.51 -22.23 -28.39
N LYS A 499 17.56 -22.10 -27.46
CA LYS A 499 16.50 -21.09 -27.57
C LYS A 499 16.38 -20.35 -26.25
N ARG A 500 16.41 -19.03 -26.33
CA ARG A 500 16.17 -18.18 -25.17
C ARG A 500 14.74 -18.38 -24.67
N GLU A 501 14.59 -18.32 -23.35
CA GLU A 501 13.27 -18.14 -22.76
C GLU A 501 12.62 -16.90 -23.36
N THR A 502 11.34 -17.02 -23.73
CA THR A 502 10.61 -15.92 -24.33
C THR A 502 9.58 -15.28 -23.40
N ASP A 503 9.25 -15.93 -22.30
CA ASP A 503 8.42 -15.29 -21.27
C ASP A 503 9.23 -14.19 -20.58
N THR A 504 8.53 -13.18 -20.08
CA THR A 504 9.15 -12.09 -19.32
C THR A 504 8.73 -12.14 -17.86
N MET A 505 9.35 -11.27 -17.06
CA MET A 505 9.11 -11.28 -15.61
C MET A 505 7.89 -10.46 -15.21
N ASP A 506 7.16 -10.98 -14.23
CA ASP A 506 6.18 -10.22 -13.46
C ASP A 506 6.79 -8.87 -13.11
N THR A 507 6.06 -7.78 -13.43
CA THR A 507 6.68 -6.47 -13.24
C THR A 507 6.72 -6.05 -11.78
N PHE A 508 6.05 -6.77 -10.89
CA PHE A 508 6.30 -6.58 -9.46
C PHE A 508 7.77 -6.76 -9.12
N ILE A 509 8.53 -7.49 -9.95
CA ILE A 509 9.93 -7.72 -9.63
C ILE A 509 10.72 -6.42 -9.64
N GLU A 510 10.47 -5.55 -10.63
CA GLU A 510 11.19 -4.28 -10.68
C GLU A 510 10.95 -3.46 -9.42
N SER A 511 9.70 -3.40 -8.96
CA SER A 511 9.36 -2.60 -7.79
C SER A 511 9.72 -3.28 -6.48
N SER A 512 10.28 -4.49 -6.51
CA SER A 512 10.66 -5.17 -5.28
C SER A 512 12.06 -4.82 -4.83
N TRP A 513 12.81 -4.03 -5.60
CA TRP A 513 14.15 -3.65 -5.16
C TRP A 513 14.58 -2.26 -5.61
N TYR A 514 13.72 -1.48 -6.28
CA TYR A 514 14.15 -0.19 -6.83
C TYR A 514 14.65 0.77 -5.74
N PHE A 515 14.16 0.63 -4.50
CA PHE A 515 14.58 1.52 -3.42
C PHE A 515 16.03 1.28 -3.02
N PHE A 516 16.56 0.08 -3.27
CA PHE A 516 18.01 -0.10 -3.14
C PHE A 516 18.76 0.48 -4.34
N ARG A 517 18.20 0.36 -5.54
CA ARG A 517 18.90 0.87 -6.72
C ARG A 517 19.11 2.38 -6.63
N TYR A 518 18.13 3.12 -6.09
CA TYR A 518 18.26 4.56 -5.90
C TYR A 518 19.52 4.94 -5.13
N MET A 519 20.04 4.03 -4.30
CA MET A 519 21.22 4.35 -3.50
C MET A 519 22.46 4.50 -4.37
N SER A 520 22.54 3.76 -5.48
CA SER A 520 23.68 3.85 -6.41
C SER A 520 23.18 3.53 -7.81
N PRO A 521 22.41 4.44 -8.41
CA PRO A 521 21.69 4.09 -9.65
C PRO A 521 22.59 3.97 -10.88
N LYS A 522 23.85 4.36 -10.79
CA LYS A 522 24.80 4.19 -11.88
C LYS A 522 25.86 3.15 -11.58
N PHE A 523 25.69 2.36 -10.52
CA PHE A 523 26.67 1.35 -10.15
C PHE A 523 26.58 0.17 -11.11
N SER A 524 27.66 -0.10 -11.84
CA SER A 524 27.64 -1.09 -12.90
C SER A 524 28.27 -2.41 -12.49
N ASP A 525 28.60 -2.59 -11.22
CA ASP A 525 29.21 -3.81 -10.73
C ASP A 525 28.33 -4.59 -9.75
N GLY A 526 27.08 -4.19 -9.58
CA GLY A 526 26.19 -4.92 -8.70
C GLY A 526 24.86 -4.20 -8.58
N MET A 527 23.92 -4.87 -7.89
CA MET A 527 22.59 -4.30 -7.71
C MET A 527 22.67 -2.94 -7.05
N VAL A 528 23.53 -2.80 -6.04
CA VAL A 528 23.73 -1.59 -5.26
C VAL A 528 25.11 -1.69 -4.62
N SER A 529 25.85 -0.59 -4.68
CA SER A 529 27.21 -0.60 -4.13
C SER A 529 27.18 -0.75 -2.61
N ALA A 530 28.21 -1.43 -2.09
CA ALA A 530 28.28 -1.67 -0.65
C ALA A 530 28.39 -0.38 0.14
N GLU A 531 29.15 0.59 -0.37
CA GLU A 531 29.31 1.86 0.33
C GLU A 531 27.98 2.59 0.46
N SER A 532 27.18 2.60 -0.61
CA SER A 532 25.94 3.37 -0.55
C SER A 532 24.86 2.65 0.26
N ALA A 533 24.79 1.31 0.17
CA ALA A 533 23.83 0.56 0.99
C ALA A 533 24.15 0.72 2.47
N LYS A 534 25.44 0.73 2.81
CA LYS A 534 25.85 0.89 4.20
C LYS A 534 25.48 2.27 4.74
N TYR A 535 25.55 3.30 3.89
CA TYR A 535 25.25 4.65 4.36
C TYR A 535 23.75 4.88 4.46
N TRP A 536 23.01 4.53 3.42
CA TRP A 536 21.58 4.84 3.38
C TRP A 536 20.74 3.85 4.16
N GLY A 537 21.22 2.61 4.32
CA GLY A 537 20.54 1.62 5.14
C GLY A 537 19.17 1.20 4.64
N ALA A 538 18.13 1.58 5.37
CA ALA A 538 16.76 1.31 5.00
C ALA A 538 16.04 2.60 4.67
N VAL A 539 14.86 2.46 4.05
CA VAL A 539 14.00 3.61 3.81
C VAL A 539 13.40 4.05 5.15
N ASP A 540 13.60 5.33 5.49
CA ASP A 540 13.05 5.83 6.75
C ASP A 540 11.55 6.03 6.67
N GLN A 541 11.08 6.59 5.56
CA GLN A 541 9.67 6.91 5.35
C GLN A 541 9.27 6.42 3.97
N TYR A 542 8.22 5.60 3.91
CA TYR A 542 7.65 5.10 2.66
C TYR A 542 6.22 5.58 2.56
N ILE A 543 5.82 6.06 1.39
CA ILE A 543 4.49 6.65 1.20
C ILE A 543 3.90 6.10 -0.09
N GLY A 544 2.67 5.60 -0.02
CA GLY A 544 2.00 5.14 -1.22
C GLY A 544 0.59 4.67 -0.90
N GLY A 545 -0.09 4.22 -1.95
CA GLY A 545 -1.49 3.84 -1.80
C GLY A 545 -1.69 2.51 -1.09
N ILE A 546 -2.80 2.44 -0.35
CA ILE A 546 -3.15 1.25 0.42
C ILE A 546 -3.37 0.03 -0.46
N GLU A 547 -3.64 0.21 -1.76
CA GLU A 547 -3.81 -0.95 -2.63
C GLU A 547 -2.55 -1.77 -2.78
N HIS A 548 -1.40 -1.26 -2.36
CA HIS A 548 -0.15 -2.01 -2.43
C HIS A 548 0.22 -2.64 -1.10
N ALA A 549 -0.71 -2.69 -0.14
CA ALA A 549 -0.39 -3.13 1.22
C ALA A 549 -0.03 -4.60 1.31
N ILE A 550 -0.45 -5.42 0.35
CA ILE A 550 -0.21 -6.86 0.46
C ILE A 550 0.92 -7.28 -0.47
N LEU A 551 0.68 -7.26 -1.79
CA LEU A 551 1.60 -7.93 -2.70
C LEU A 551 2.92 -7.18 -2.80
N HIS A 552 2.88 -5.91 -3.21
CA HIS A 552 4.13 -5.16 -3.42
C HIS A 552 4.95 -5.13 -2.15
N LEU A 553 4.32 -4.82 -1.01
CA LEU A 553 5.07 -4.74 0.23
C LEU A 553 5.65 -6.09 0.63
N LEU A 554 4.88 -7.17 0.45
CA LEU A 554 5.42 -8.48 0.77
C LEU A 554 6.59 -8.85 -0.15
N TYR A 555 6.47 -8.54 -1.45
CA TYR A 555 7.54 -8.84 -2.40
C TYR A 555 8.80 -8.04 -2.10
N ALA A 556 8.62 -6.76 -1.76
CA ALA A 556 9.77 -5.92 -1.42
C ALA A 556 10.46 -6.39 -0.15
N ARG A 557 9.67 -6.82 0.85
CA ARG A 557 10.27 -7.36 2.07
C ARG A 557 10.99 -8.66 1.78
N PHE A 558 10.45 -9.45 0.85
CA PHE A 558 11.08 -10.69 0.44
C PHE A 558 12.40 -10.44 -0.30
N PHE A 559 12.40 -9.50 -1.23
CA PHE A 559 13.62 -9.19 -1.98
C PHE A 559 14.70 -8.62 -1.07
N THR A 560 14.31 -7.85 -0.06
CA THR A 560 15.28 -7.33 0.88
C THR A 560 16.01 -8.46 1.59
N LYS A 561 15.25 -9.47 2.05
CA LYS A 561 15.87 -10.59 2.75
C LYS A 561 16.69 -11.47 1.81
N LEU A 562 16.23 -11.62 0.56
CA LEU A 562 17.06 -12.28 -0.45
C LEU A 562 18.36 -11.52 -0.68
N MET A 563 18.27 -10.20 -0.83
CA MET A 563 19.48 -9.42 -1.09
C MET A 563 20.39 -9.39 0.13
N ARG A 564 19.81 -9.31 1.32
CA ARG A 564 20.58 -9.45 2.55
C ARG A 564 21.32 -10.78 2.58
N ASP A 565 20.65 -11.86 2.20
CA ASP A 565 21.27 -13.17 2.26
C ASP A 565 22.31 -13.36 1.16
N GLU A 566 22.23 -12.60 0.07
CA GLU A 566 23.31 -12.60 -0.91
C GLU A 566 24.50 -11.77 -0.46
N GLY A 567 24.36 -10.97 0.58
CA GLY A 567 25.43 -10.12 1.07
C GLY A 567 25.44 -8.72 0.50
N LEU A 568 24.37 -8.31 -0.19
CA LEU A 568 24.30 -7.01 -0.84
C LEU A 568 23.86 -5.89 0.10
N VAL A 569 23.07 -6.21 1.12
CA VAL A 569 22.58 -5.23 2.08
C VAL A 569 22.62 -5.84 3.46
N ASN A 570 22.48 -4.99 4.48
CA ASN A 570 22.57 -5.40 5.87
C ASN A 570 21.27 -5.18 6.65
N VAL A 571 20.18 -4.82 5.99
CA VAL A 571 18.93 -4.58 6.69
C VAL A 571 18.05 -5.80 6.52
N ASP A 572 17.20 -6.06 7.51
CA ASP A 572 16.20 -7.13 7.40
C ASP A 572 14.91 -6.64 6.75
N GLU A 573 14.60 -5.34 6.83
CA GLU A 573 13.34 -4.77 6.41
C GLU A 573 13.59 -3.52 5.59
N PRO A 574 12.91 -3.37 4.45
CA PRO A 574 13.16 -2.22 3.59
C PRO A 574 12.57 -0.89 4.07
N PHE A 575 11.47 -0.92 4.83
CA PHE A 575 10.70 0.29 5.13
C PHE A 575 10.43 0.38 6.62
N GLU A 576 10.99 1.41 7.26
CA GLU A 576 10.77 1.70 8.67
C GLU A 576 9.36 2.21 8.93
N ARG A 577 9.06 3.44 8.49
CA ARG A 577 7.74 4.03 8.61
CA ARG A 577 7.74 4.03 8.61
C ARG A 577 6.97 3.87 7.30
N LEU A 578 5.68 3.59 7.40
CA LEU A 578 4.81 3.42 6.24
C LEU A 578 3.57 4.30 6.42
N LEU A 579 3.34 5.18 5.45
CA LEU A 579 2.17 6.04 5.40
C LEU A 579 1.37 5.63 4.17
N THR A 580 0.14 5.18 4.37
CA THR A 580 -0.70 4.72 3.28
C THR A 580 -1.78 5.75 2.99
N GLN A 581 -1.89 6.13 1.73
CA GLN A 581 -2.83 7.18 1.34
C GLN A 581 -4.08 6.57 0.71
N GLY A 582 -5.20 7.24 0.90
CA GLY A 582 -6.46 6.81 0.34
C GLY A 582 -6.53 7.19 -1.13
N MET A 583 -7.75 7.20 -1.65
CA MET A 583 -7.97 7.49 -3.05
C MET A 583 -8.52 8.91 -3.25
N VAL A 584 -8.54 9.34 -4.50
CA VAL A 584 -9.15 10.61 -4.88
C VAL A 584 -10.46 10.31 -5.60
N VAL A 585 -11.53 11.01 -5.20
CA VAL A 585 -12.85 10.77 -5.74
C VAL A 585 -13.38 12.07 -6.34
N CYS A 586 -14.34 11.92 -7.25
CA CYS A 586 -14.96 13.06 -7.89
C CYS A 586 -16.37 12.70 -8.35
N GLU A 587 -17.23 13.70 -8.34
CA GLU A 587 -18.58 13.59 -8.90
C GLU A 587 -18.51 13.19 -10.37
N THR A 588 -19.55 12.47 -10.82
CA THR A 588 -19.65 11.99 -12.19
C THR A 588 -20.82 12.68 -12.89
N TYR A 589 -20.69 12.82 -14.21
CA TYR A 589 -21.70 13.48 -15.03
C TYR A 589 -21.94 12.67 -16.30
N TYR A 590 -23.19 12.65 -16.78
CA TYR A 590 -23.51 11.94 -18.00
C TYR A 590 -24.65 12.64 -18.74
N ARG A 591 -24.83 12.24 -20.00
CA ARG A 591 -26.02 12.54 -20.78
C ARG A 591 -26.59 11.22 -21.27
N GLU A 592 -27.90 11.04 -21.13
CA GLU A 592 -28.54 9.75 -21.36
C GLU A 592 -28.42 9.34 -22.83
N ASN A 593 -28.56 8.03 -23.06
CA ASN A 593 -28.09 7.36 -24.27
C ASN A 593 -29.23 6.98 -25.21
N ASP A 594 -28.82 6.44 -26.37
CA ASP A 594 -29.78 5.95 -27.36
C ASP A 594 -30.54 4.73 -26.86
N LYS A 595 -29.93 3.93 -25.98
CA LYS A 595 -30.42 2.58 -25.70
C LYS A 595 -30.63 2.33 -24.22
N GLY A 596 -31.04 3.35 -23.47
CA GLY A 596 -31.25 3.17 -22.05
C GLY A 596 -29.99 3.08 -21.22
N GLY A 597 -28.88 3.60 -21.72
CA GLY A 597 -27.64 3.68 -20.96
C GLY A 597 -27.23 5.12 -20.71
N LYS A 598 -25.93 5.38 -20.52
CA LYS A 598 -25.45 6.73 -20.29
C LYS A 598 -24.05 6.90 -20.85
N ASP A 599 -23.74 8.12 -21.29
CA ASP A 599 -22.40 8.51 -21.75
C ASP A 599 -21.82 9.54 -20.80
N TRP A 600 -20.62 9.29 -20.29
CA TRP A 600 -20.09 10.04 -19.16
C TRP A 600 -19.19 11.19 -19.59
N ILE A 601 -19.43 12.37 -19.01
CA ILE A 601 -18.75 13.61 -19.37
C ILE A 601 -17.74 13.98 -18.27
N ASN A 602 -16.58 14.50 -18.69
CA ASN A 602 -15.55 14.92 -17.75
C ASN A 602 -16.00 16.15 -16.97
N PRO A 603 -15.60 16.26 -15.70
CA PRO A 603 -16.03 17.42 -14.89
C PRO A 603 -15.53 18.76 -15.41
N ALA A 604 -14.29 18.84 -15.89
CA ALA A 604 -13.78 20.11 -16.43
C ALA A 604 -14.59 20.58 -17.63
N ASP A 605 -15.18 19.66 -18.38
CA ASP A 605 -16.04 20.03 -19.50
C ASP A 605 -17.47 20.22 -19.02
N VAL A 606 -17.63 20.67 -17.77
CA VAL A 606 -18.94 20.93 -17.20
C VAL A 606 -18.85 22.21 -16.38
N GLU A 607 -19.96 22.94 -16.33
CA GLU A 607 -20.11 24.12 -15.48
C GLU A 607 -21.45 24.03 -14.77
N LEU A 608 -21.43 24.16 -13.44
CA LEU A 608 -22.65 24.14 -12.66
C LEU A 608 -23.32 25.52 -12.69
N THR A 609 -24.57 25.55 -12.26
CA THR A 609 -25.34 26.79 -12.26
C THR A 609 -25.72 27.20 -10.84
N GLY A 614 -27.86 31.46 -4.31
CA GLY A 614 -26.58 31.04 -3.79
C GLY A 614 -26.39 29.54 -3.78
N ARG A 615 -27.50 28.81 -3.88
CA ARG A 615 -27.46 27.34 -3.89
C ARG A 615 -27.38 26.85 -5.32
N PRO A 616 -26.31 26.14 -5.71
CA PRO A 616 -26.22 25.61 -7.08
C PRO A 616 -27.33 24.61 -7.37
N VAL A 617 -27.73 24.54 -8.63
CA VAL A 617 -28.82 23.66 -9.06
C VAL A 617 -28.32 22.71 -10.14
N SER A 618 -28.69 22.98 -11.39
CA SER A 618 -28.37 22.11 -12.50
C SER A 618 -26.97 22.40 -13.04
N ALA A 619 -26.34 21.37 -13.60
CA ALA A 619 -25.06 21.49 -14.28
C ALA A 619 -25.27 21.34 -15.79
N VAL A 620 -24.42 22.01 -16.57
CA VAL A 620 -24.48 21.98 -18.02
C VAL A 620 -23.08 21.89 -18.60
N LEU A 621 -23.01 21.44 -19.85
CA LEU A 621 -21.74 21.43 -20.58
C LEU A 621 -21.23 22.85 -20.80
N LYS A 622 -19.91 22.99 -20.84
CA LYS A 622 -19.31 24.32 -21.01
C LYS A 622 -19.37 24.80 -22.46
N ALA A 623 -19.12 23.89 -23.41
CA ALA A 623 -18.99 24.32 -24.80
C ALA A 623 -20.29 24.84 -25.37
N ASP A 624 -21.43 24.28 -24.96
CA ASP A 624 -22.71 24.64 -25.56
C ASP A 624 -23.74 25.19 -24.58
N GLY A 625 -23.69 24.82 -23.31
CA GLY A 625 -24.67 25.26 -22.35
C GLY A 625 -25.90 24.39 -22.22
N LEU A 626 -25.97 23.28 -22.95
CA LEU A 626 -27.06 22.34 -22.77
C LEU A 626 -26.82 21.52 -21.50
N PRO A 627 -27.89 21.09 -20.82
CA PRO A 627 -27.74 20.47 -19.50
C PRO A 627 -27.07 19.11 -19.55
N VAL A 628 -26.53 18.72 -18.39
CA VAL A 628 -25.95 17.41 -18.14
C VAL A 628 -26.52 16.86 -16.84
N VAL A 629 -26.41 15.54 -16.67
CA VAL A 629 -26.95 14.87 -15.50
C VAL A 629 -25.86 14.69 -14.46
N ILE A 630 -26.12 15.16 -13.24
CA ILE A 630 -25.22 14.98 -12.11
C ILE A 630 -25.44 13.59 -11.53
N SER A 631 -24.35 12.87 -11.29
CA SER A 631 -24.44 11.50 -10.80
C SER A 631 -23.56 11.35 -9.56
N GLY A 632 -23.21 10.11 -9.23
CA GLY A 632 -22.58 9.83 -7.95
C GLY A 632 -21.10 10.15 -7.91
N THR A 633 -20.59 10.25 -6.69
CA THR A 633 -19.17 10.51 -6.46
C THR A 633 -18.46 9.19 -6.26
N GLU A 634 -17.33 9.01 -6.93
CA GLU A 634 -16.54 7.80 -6.77
C GLU A 634 -15.10 8.09 -7.20
N LYS A 635 -14.26 7.07 -7.08
CA LYS A 635 -12.86 7.20 -7.43
C LYS A 635 -12.71 7.70 -8.86
N MET A 636 -11.73 8.56 -9.06
CA MET A 636 -11.43 9.03 -10.40
C MET A 636 -10.94 7.88 -11.26
N SER A 637 -11.55 7.72 -12.44
CA SER A 637 -11.17 6.66 -13.34
C SER A 637 -11.56 7.04 -14.75
N LYS A 638 -10.88 6.44 -15.73
CA LYS A 638 -11.32 6.54 -17.12
C LYS A 638 -12.70 5.94 -17.31
N SER A 639 -13.12 5.04 -16.42
CA SER A 639 -14.38 4.34 -16.58
C SER A 639 -15.56 5.31 -16.66
N LYS A 640 -15.76 6.11 -15.62
CA LYS A 640 -16.85 7.07 -15.59
C LYS A 640 -16.41 8.47 -15.95
N ASN A 641 -15.21 8.62 -16.53
CA ASN A 641 -14.73 9.88 -17.08
C ASN A 641 -14.88 11.02 -16.07
N ASN A 642 -14.34 10.80 -14.86
CA ASN A 642 -14.43 11.79 -13.80
C ASN A 642 -13.06 12.13 -13.24
N GLY A 643 -11.99 11.87 -13.99
CA GLY A 643 -10.67 12.29 -13.57
C GLY A 643 -10.42 13.75 -13.88
N VAL A 644 -9.94 14.50 -12.89
CA VAL A 644 -9.59 15.90 -13.06
C VAL A 644 -8.09 15.96 -13.35
N ASP A 645 -7.74 16.45 -14.53
CA ASP A 645 -6.34 16.54 -14.94
C ASP A 645 -5.60 17.50 -14.03
N PRO A 646 -4.56 17.05 -13.33
CA PRO A 646 -3.77 18.00 -12.50
C PRO A 646 -3.15 19.11 -13.30
N GLN A 647 -2.83 18.88 -14.59
CA GLN A 647 -2.20 19.93 -15.39
C GLN A 647 -3.11 21.15 -15.52
N GLU A 648 -4.42 20.93 -15.61
CA GLU A 648 -5.34 22.06 -15.66
C GLU A 648 -5.41 22.80 -14.34
N LEU A 649 -5.32 22.08 -13.22
CA LEU A 649 -5.27 22.71 -11.90
C LEU A 649 -4.00 23.55 -11.74
N ILE A 650 -2.87 23.02 -12.21
CA ILE A 650 -1.62 23.79 -12.21
C ILE A 650 -1.74 24.99 -13.13
N ASN A 651 -2.27 24.79 -14.35
CA ASN A 651 -2.41 25.90 -15.28
C ASN A 651 -3.27 27.02 -14.72
N ALA A 652 -4.33 26.66 -13.98
CA ALA A 652 -5.27 27.67 -13.54
C ALA A 652 -4.81 28.42 -12.29
N TYR A 653 -4.08 27.76 -11.39
CA TYR A 653 -3.76 28.32 -10.08
C TYR A 653 -2.30 28.22 -9.66
N GLY A 654 -1.47 27.44 -10.35
CA GLY A 654 -0.09 27.24 -9.91
C GLY A 654 0.11 25.99 -9.05
N ALA A 655 1.38 25.62 -8.91
CA ALA A 655 1.73 24.41 -8.19
C ALA A 655 1.39 24.50 -6.71
N ASP A 656 1.60 25.67 -6.10
CA ASP A 656 1.40 25.79 -4.65
C ASP A 656 -0.06 25.57 -4.26
N THR A 657 -0.99 26.11 -5.06
CA THR A 657 -2.41 25.88 -4.78
C THR A 657 -2.76 24.40 -4.87
N ALA A 658 -2.18 23.70 -5.86
CA ALA A 658 -2.45 22.28 -6.02
C ALA A 658 -1.97 21.52 -4.79
N ARG A 659 -0.73 21.78 -4.37
CA ARG A 659 -0.17 21.13 -3.19
C ARG A 659 -0.98 21.45 -1.94
N LEU A 660 -1.38 22.70 -1.77
CA LEU A 660 -2.11 23.09 -0.57
C LEU A 660 -3.47 22.41 -0.52
N PHE A 661 -4.21 22.45 -1.62
CA PHE A 661 -5.49 21.78 -1.64
C PHE A 661 -5.34 20.29 -1.34
N MET A 662 -4.34 19.64 -1.95
CA MET A 662 -4.15 18.21 -1.72
C MET A 662 -3.94 17.90 -0.25
N MET A 663 -3.17 18.76 0.46
CA MET A 663 -2.88 18.52 1.88
C MET A 663 -3.98 19.02 2.80
N PHE A 664 -4.72 20.06 2.42
CA PHE A 664 -5.75 20.57 3.31
C PHE A 664 -7.04 19.77 3.22
N ALA A 665 -7.32 19.16 2.06
CA ALA A 665 -8.65 18.61 1.78
C ALA A 665 -8.97 17.41 2.67
N ALA A 666 -7.98 16.56 2.95
CA ALA A 666 -8.22 15.37 3.78
C ALA A 666 -6.88 14.89 4.33
N PRO A 667 -6.89 14.20 5.47
CA PRO A 667 -5.69 13.46 5.91
C PRO A 667 -5.29 12.43 4.86
N PRO A 668 -4.02 12.05 4.81
CA PRO A 668 -3.58 11.10 3.77
C PRO A 668 -4.39 9.83 3.66
N GLU A 669 -4.78 9.23 4.79
CA GLU A 669 -5.51 7.96 4.76
C GLU A 669 -6.93 8.10 4.22
N GLN A 670 -7.49 9.30 4.25
CA GLN A 670 -8.88 9.51 3.87
C GLN A 670 -9.03 9.68 2.37
N SER A 671 -10.23 9.37 1.89
CA SER A 671 -10.60 9.73 0.52
C SER A 671 -10.64 11.24 0.38
N LEU A 672 -10.05 11.74 -0.69
CA LEU A 672 -10.00 13.17 -0.96
C LEU A 672 -11.00 13.48 -2.06
N GLU A 673 -12.01 14.29 -1.73
CA GLU A 673 -13.04 14.66 -2.69
C GLU A 673 -12.61 15.89 -3.46
N TRP A 674 -12.63 15.79 -4.79
CA TRP A 674 -12.37 16.95 -5.62
C TRP A 674 -13.41 18.02 -5.35
N SER A 675 -12.96 19.25 -5.14
CA SER A 675 -13.85 20.36 -4.81
C SER A 675 -13.37 21.62 -5.50
N ASP A 676 -14.22 22.23 -6.32
CA ASP A 676 -13.88 23.51 -6.91
C ASP A 676 -13.74 24.58 -5.83
N SER A 677 -14.70 24.64 -4.90
CA SER A 677 -14.63 25.63 -3.84
C SER A 677 -13.43 25.40 -2.94
N GLY A 678 -13.08 24.13 -2.72
CA GLY A 678 -11.88 23.84 -1.94
C GLY A 678 -10.62 24.36 -2.61
N VAL A 679 -10.50 24.17 -3.92
CA VAL A 679 -9.32 24.67 -4.63
C VAL A 679 -9.25 26.19 -4.57
N GLU A 680 -10.39 26.85 -4.77
CA GLU A 680 -10.44 28.31 -4.66
C GLU A 680 -10.08 28.77 -3.25
N GLY A 681 -10.60 28.08 -2.23
CA GLY A 681 -10.20 28.38 -0.86
C GLY A 681 -8.70 28.29 -0.66
N ALA A 682 -8.07 27.24 -1.21
CA ALA A 682 -6.62 27.11 -1.09
C ALA A 682 -5.92 28.29 -1.73
N HIS A 683 -6.35 28.70 -2.94
CA HIS A 683 -5.73 29.84 -3.62
C HIS A 683 -5.94 31.13 -2.86
N ARG A 684 -7.14 31.34 -2.31
CA ARG A 684 -7.41 32.55 -1.54
C ARG A 684 -6.52 32.62 -0.30
N PHE A 685 -6.25 31.49 0.34
CA PHE A 685 -5.36 31.51 1.49
C PHE A 685 -3.95 31.92 1.09
N LEU A 686 -3.48 31.48 -0.08
CA LEU A 686 -2.16 31.89 -0.52
C LEU A 686 -2.12 33.38 -0.85
N ARG A 687 -3.20 33.90 -1.45
CA ARG A 687 -3.34 35.34 -1.61
C ARG A 687 -3.24 36.05 -0.26
N ARG A 688 -3.92 35.51 0.76
CA ARG A 688 -3.92 36.13 2.07
C ARG A 688 -2.52 36.17 2.66
N LEU A 689 -1.82 35.02 2.61
CA LEU A 689 -0.45 34.96 3.11
C LEU A 689 0.43 35.97 2.39
N TRP A 690 0.30 36.07 1.07
CA TRP A 690 1.03 37.06 0.29
C TRP A 690 0.69 38.48 0.75
N ARG A 691 -0.60 38.77 0.89
CA ARG A 691 -1.03 40.11 1.30
C ARG A 691 -0.49 40.46 2.68
N THR A 692 -0.47 39.49 3.60
CA THR A 692 -0.03 39.76 4.97
C THR A 692 1.43 40.21 5.02
N VAL A 693 2.30 39.51 4.31
CA VAL A 693 3.70 39.91 4.26
C VAL A 693 3.86 41.23 3.51
N TYR A 694 3.14 41.41 2.40
CA TYR A 694 3.26 42.67 1.65
C TYR A 694 2.86 43.86 2.51
N GLU A 695 1.70 43.77 3.17
CA GLU A 695 1.24 44.87 4.00
C GLU A 695 2.18 45.11 5.18
N TYR A 696 2.72 44.04 5.76
CA TYR A 696 3.67 44.20 6.85
C TYR A 696 4.90 44.96 6.38
N LEU A 697 5.43 44.59 5.21
CA LEU A 697 6.65 45.22 4.72
C LEU A 697 6.39 46.63 4.22
N LYS A 698 5.19 46.91 3.71
CA LYS A 698 4.86 48.24 3.23
C LYS A 698 4.78 49.26 4.36
N GLN A 699 4.57 48.81 5.60
CA GLN A 699 4.53 49.73 6.72
C GLN A 699 5.81 49.65 7.56
N GLY A 700 6.97 49.71 6.90
CA GLY A 700 8.21 49.86 7.65
C GLY A 700 9.37 48.96 7.27
N GLY A 701 9.14 47.95 6.44
CA GLY A 701 10.22 47.06 6.07
C GLY A 701 10.69 46.16 7.20
N ALA A 702 11.56 45.22 6.87
CA ALA A 702 11.91 44.14 7.79
C ALA A 702 12.71 44.65 8.98
N VAL A 703 12.54 43.98 10.13
CA VAL A 703 13.30 44.26 11.34
C VAL A 703 13.86 42.95 11.86
N LYS A 704 14.75 43.06 12.85
CA LYS A 704 15.23 41.89 13.56
C LYS A 704 14.06 41.22 14.29
N ALA A 705 13.86 39.93 14.04
CA ALA A 705 12.76 39.22 14.68
C ALA A 705 12.93 39.21 16.20
N PHE A 706 11.81 39.28 16.91
CA PHE A 706 11.90 39.24 18.37
C PHE A 706 12.54 37.94 18.82
N ALA A 707 13.41 38.04 19.81
CA ALA A 707 14.01 36.86 20.42
C ALA A 707 14.42 37.19 21.85
N GLY A 708 14.45 36.17 22.69
CA GLY A 708 14.98 36.33 24.02
C GLY A 708 13.92 36.59 25.07
N ASN A 709 14.39 37.12 26.20
CA ASN A 709 13.56 37.48 27.33
C ASN A 709 12.41 38.37 26.88
N GLN A 710 11.17 37.95 27.16
CA GLN A 710 10.00 38.73 26.81
C GLN A 710 9.39 39.45 28.01
N ASP A 711 10.15 39.57 29.12
CA ASP A 711 9.74 40.50 30.17
C ASP A 711 9.60 41.90 29.60
N GLY A 712 8.57 42.61 30.02
CA GLY A 712 8.31 43.94 29.48
C GLY A 712 7.53 43.96 28.19
N LEU A 713 7.37 42.82 27.51
CA LEU A 713 6.42 42.76 26.41
C LEU A 713 5.01 42.96 26.93
N SER A 714 4.19 43.61 26.12
CA SER A 714 2.80 43.82 26.49
C SER A 714 2.05 42.49 26.53
N LYS A 715 0.93 42.49 27.25
CA LYS A 715 0.08 41.30 27.35
C LYS A 715 -0.30 40.78 25.96
N GLU A 716 -0.73 41.69 25.07
CA GLU A 716 -1.19 41.28 23.75
C GLU A 716 -0.07 40.66 22.92
N LEU A 717 1.15 41.20 23.01
CA LEU A 717 2.25 40.62 22.25
C LEU A 717 2.78 39.35 22.90
N LYS A 718 2.72 39.25 24.24
CA LYS A 718 3.01 37.96 24.88
C LYS A 718 2.02 36.89 24.42
N ASP A 719 0.74 37.25 24.29
CA ASP A 719 -0.27 36.30 23.84
C ASP A 719 -0.01 35.85 22.41
N LEU A 720 0.44 36.76 21.55
CA LEU A 720 0.75 36.38 20.18
C LEU A 720 1.95 35.45 20.14
N ARG A 721 2.99 35.75 20.93
CA ARG A 721 4.13 34.84 21.01
C ARG A 721 3.74 33.48 21.55
N HIS A 722 2.77 33.42 22.47
CA HIS A 722 2.29 32.13 22.94
C HIS A 722 1.63 31.35 21.81
N LYS A 723 0.72 31.99 21.07
CA LYS A 723 0.10 31.34 19.93
C LYS A 723 1.15 30.87 18.92
N LEU A 724 2.16 31.71 18.70
CA LEU A 724 3.20 31.41 17.72
C LEU A 724 3.94 30.12 18.07
N HIS A 725 4.48 30.05 19.28
CA HIS A 725 5.30 28.90 19.63
C HIS A 725 4.45 27.67 19.94
N SER A 726 3.21 27.86 20.35
CA SER A 726 2.31 26.71 20.43
C SER A 726 1.96 26.20 19.02
N THR A 727 1.85 27.10 18.04
CA THR A 727 1.64 26.67 16.66
C THR A 727 2.85 25.90 16.13
N THR A 728 4.06 26.43 16.36
CA THR A 728 5.26 25.72 15.95
C THR A 728 5.30 24.32 16.56
N ALA A 729 4.88 24.19 17.83
CA ALA A 729 4.83 22.90 18.48
C ALA A 729 3.78 22.00 17.82
N LYS A 730 2.59 22.54 17.55
CA LYS A 730 1.55 21.75 16.90
C LYS A 730 2.00 21.28 15.52
N VAL A 731 2.52 22.19 14.70
CA VAL A 731 2.91 21.83 13.34
C VAL A 731 4.00 20.77 13.35
N SER A 732 5.02 20.94 14.21
CA SER A 732 6.10 19.95 14.30
C SER A 732 5.57 18.58 14.69
N ASP A 733 4.62 18.54 15.62
CA ASP A 733 4.04 17.27 16.00
C ASP A 733 3.20 16.68 14.87
N ASP A 734 2.60 17.54 14.05
CA ASP A 734 1.83 17.05 12.90
C ASP A 734 2.74 16.46 11.84
N TYR A 735 3.76 17.22 11.41
CA TYR A 735 4.65 16.70 10.38
C TYR A 735 5.45 15.51 10.88
N GLY A 736 5.94 15.58 12.12
CA GLY A 736 6.86 14.57 12.60
C GLY A 736 6.21 13.34 13.20
N ARG A 737 5.04 13.49 13.82
CA ARG A 737 4.41 12.38 14.52
C ARG A 737 3.08 11.98 13.89
N ARG A 738 2.10 12.89 13.84
CA ARG A 738 0.76 12.52 13.44
C ARG A 738 0.62 12.33 11.94
N GLN A 739 1.53 12.91 11.14
CA GLN A 739 1.44 12.89 9.68
C GLN A 739 0.02 13.16 9.21
N GLN A 740 -0.57 14.19 9.84
CA GLN A 740 -1.86 14.75 9.47
C GLN A 740 -1.59 16.23 9.21
N PHE A 741 -1.67 16.62 7.95
CA PHE A 741 -1.16 17.92 7.52
C PHE A 741 -2.23 19.00 7.44
N ASN A 742 -3.50 18.61 7.31
CA ASN A 742 -4.57 19.59 7.29
C ASN A 742 -4.67 20.34 8.62
N THR A 743 -4.42 19.65 9.74
CA THR A 743 -4.46 20.34 11.03
C THR A 743 -3.26 21.27 11.21
N ALA A 744 -2.10 20.90 10.65
CA ALA A 744 -0.97 21.83 10.65
C ALA A 744 -1.31 23.10 9.90
N ILE A 745 -2.00 22.97 8.77
CA ILE A 745 -2.41 24.14 7.98
C ILE A 745 -3.40 24.98 8.78
N ALA A 746 -4.44 24.34 9.33
CA ALA A 746 -5.40 25.08 10.14
C ALA A 746 -4.73 25.77 11.33
N ALA A 747 -3.66 25.16 11.86
CA ALA A 747 -2.97 25.76 13.00
C ALA A 747 -2.25 27.05 12.62
N VAL A 748 -1.59 27.07 11.45
CA VAL A 748 -0.99 28.31 10.97
C VAL A 748 -2.08 29.34 10.67
N MET A 749 -3.21 28.89 10.14
CA MET A 749 -4.33 29.80 9.89
C MET A 749 -4.81 30.47 11.18
N GLU A 750 -4.85 29.71 12.28
CA GLU A 750 -5.23 30.30 13.56
C GLU A 750 -4.19 31.29 14.04
N LEU A 751 -2.91 30.99 13.83
CA LEU A 751 -1.86 31.94 14.17
C LEU A 751 -2.06 33.25 13.41
N LEU A 752 -2.26 33.16 12.08
CA LEU A 752 -2.47 34.35 11.28
C LEU A 752 -3.73 35.10 11.70
N ASN A 753 -4.76 34.38 12.15
CA ASN A 753 -5.97 35.02 12.64
C ASN A 753 -5.67 35.88 13.86
N GLN A 754 -4.91 35.33 14.82
CA GLN A 754 -4.62 36.08 16.03
C GLN A 754 -3.69 37.24 15.74
N TYR A 755 -2.70 37.04 14.86
CA TYR A 755 -1.88 38.12 14.37
C TYR A 755 -2.75 39.25 13.80
N ASP A 756 -3.75 38.89 12.99
CA ASP A 756 -4.63 39.89 12.39
C ASP A 756 -5.38 40.71 13.44
N LYS A 757 -5.64 40.11 14.61
CA LYS A 757 -6.35 40.81 15.67
C LYS A 757 -5.42 41.52 16.63
N THR A 758 -4.11 41.49 16.39
CA THR A 758 -3.14 42.10 17.29
C THR A 758 -2.55 43.35 16.64
N ASP A 759 -2.51 44.44 17.40
CA ASP A 759 -1.79 45.64 16.99
C ASP A 759 -0.30 45.38 17.10
N THR A 760 0.38 45.31 15.97
CA THR A 760 1.83 45.07 15.91
C THR A 760 2.56 46.31 15.40
N GLY A 761 1.97 47.49 15.61
CA GLY A 761 2.53 48.71 15.03
C GLY A 761 3.69 49.32 15.79
N SER A 762 3.86 48.99 17.06
CA SER A 762 4.95 49.57 17.83
C SER A 762 6.28 48.92 17.48
N GLU A 763 7.36 49.47 18.04
CA GLU A 763 8.68 48.90 17.83
C GLU A 763 8.73 47.44 18.27
N GLN A 764 8.29 47.16 19.50
CA GLN A 764 8.25 45.76 19.92
C GLN A 764 7.22 44.97 19.13
N GLY A 765 6.14 45.62 18.67
CA GLY A 765 5.13 44.93 17.89
C GLY A 765 5.65 44.48 16.54
N ARG A 766 6.50 45.30 15.91
CA ARG A 766 7.05 44.93 14.61
C ARG A 766 8.01 43.75 14.76
N ALA A 767 8.80 43.75 15.83
CA ALA A 767 9.73 42.66 16.07
C ALA A 767 9.01 41.34 16.31
N VAL A 768 7.85 41.37 16.96
CA VAL A 768 7.06 40.17 17.14
C VAL A 768 6.36 39.77 15.83
N ALA A 769 5.84 40.75 15.09
CA ALA A 769 5.27 40.43 13.78
C ALA A 769 6.31 39.76 12.88
N GLN A 770 7.53 40.31 12.86
CA GLN A 770 8.61 39.68 12.10
C GLN A 770 8.82 38.24 12.55
N GLU A 771 8.87 38.01 13.87
CA GLU A 771 9.02 36.65 14.40
C GLU A 771 7.88 35.76 13.94
N VAL A 772 6.66 36.29 13.95
CA VAL A 772 5.48 35.52 13.55
C VAL A 772 5.57 35.12 12.08
N LEU A 773 5.86 36.09 11.21
CA LEU A 773 5.85 35.82 9.77
C LEU A 773 7.03 34.93 9.37
N GLU A 774 8.20 35.14 9.97
CA GLU A 774 9.34 34.27 9.68
C GLU A 774 9.05 32.82 10.06
N ALA A 775 8.30 32.61 11.14
CA ALA A 775 7.96 31.25 11.52
C ALA A 775 6.89 30.70 10.58
N ALA A 776 5.86 31.49 10.29
CA ALA A 776 4.74 31.01 9.49
C ALA A 776 5.20 30.53 8.11
N VAL A 777 6.10 31.28 7.46
CA VAL A 777 6.53 30.88 6.12
C VAL A 777 7.44 29.66 6.18
N ARG A 778 8.18 29.48 7.26
CA ARG A 778 8.98 28.26 7.38
C ARG A 778 8.12 27.06 7.76
N LEU A 779 7.11 27.27 8.61
CA LEU A 779 6.19 26.20 8.95
C LEU A 779 5.44 25.70 7.71
N LEU A 780 5.13 26.61 6.77
CA LEU A 780 4.36 26.22 5.59
C LEU A 780 5.23 25.87 4.39
N TRP A 781 6.53 26.10 4.47
CA TRP A 781 7.42 25.82 3.33
C TRP A 781 7.38 24.37 2.86
N PRO A 782 7.32 23.35 3.73
CA PRO A 782 7.16 21.99 3.21
C PRO A 782 5.92 21.81 2.35
N ILE A 783 4.84 22.53 2.64
CA ILE A 783 3.62 22.36 1.88
C ILE A 783 3.60 23.23 0.63
N VAL A 784 3.93 24.51 0.78
CA VAL A 784 3.88 25.47 -0.31
C VAL A 784 5.24 26.17 -0.41
N PRO A 785 6.27 25.47 -0.92
CA PRO A 785 7.63 26.02 -0.83
C PRO A 785 7.88 27.22 -1.74
N HIS A 786 7.20 27.34 -2.88
CA HIS A 786 7.52 28.45 -3.78
C HIS A 786 7.16 29.78 -3.15
N ILE A 787 5.92 29.92 -2.68
CA ILE A 787 5.52 31.21 -2.12
C ILE A 787 6.27 31.49 -0.83
N CYS A 788 6.56 30.46 -0.03
CA CYS A 788 7.28 30.69 1.23
C CYS A 788 8.73 31.08 0.97
N GLU A 789 9.38 30.40 0.02
CA GLU A 789 10.74 30.79 -0.38
C GLU A 789 10.78 32.24 -0.81
N THR A 790 9.78 32.67 -1.61
CA THR A 790 9.75 34.04 -2.10
C THR A 790 9.48 35.02 -0.95
N LEU A 791 8.51 34.70 -0.08
CA LEU A 791 8.19 35.61 1.02
C LEU A 791 9.33 35.69 2.03
N TRP A 792 9.94 34.55 2.35
CA TRP A 792 11.09 34.53 3.25
C TRP A 792 12.19 35.46 2.77
N SER A 793 12.45 35.48 1.46
CA SER A 793 13.50 36.32 0.93
C SER A 793 13.16 37.80 1.07
N GLU A 794 11.87 38.15 1.12
CA GLU A 794 11.51 39.55 1.39
C GLU A 794 11.63 39.90 2.88
N LEU A 795 11.53 38.90 3.76
CA LEU A 795 11.57 39.15 5.20
C LEU A 795 12.99 39.13 5.76
N ASN A 796 13.92 38.44 5.11
CA ASN A 796 15.17 38.02 5.72
C ASN A 796 16.13 37.60 4.62
N GLY A 797 17.40 37.98 4.77
CA GLY A 797 18.38 37.68 3.75
C GLY A 797 19.09 36.34 3.85
N ALA A 798 18.96 35.64 4.98
CA ALA A 798 19.61 34.35 5.14
C ALA A 798 18.93 33.30 4.29
N LYS A 799 19.67 32.23 4.00
CA LYS A 799 19.10 31.09 3.28
C LYS A 799 18.07 30.40 4.17
N LEU A 800 16.83 30.25 3.65
CA LEU A 800 15.76 29.68 4.45
C LEU A 800 16.13 28.29 4.95
N TRP A 801 16.66 27.45 4.07
CA TRP A 801 17.03 26.10 4.47
C TRP A 801 18.20 26.09 5.45
N GLU A 802 18.97 27.18 5.53
CA GLU A 802 19.99 27.30 6.54
C GLU A 802 19.47 27.90 7.84
N ALA A 803 18.41 28.72 7.78
CA ALA A 803 17.75 29.16 9.01
C ALA A 803 17.08 27.99 9.71
N GLY A 804 16.63 27.00 8.95
CA GLY A 804 16.15 25.76 9.53
C GLY A 804 14.76 25.85 10.13
N TRP A 805 14.30 24.69 10.60
CA TRP A 805 12.96 24.57 11.14
C TRP A 805 12.80 25.49 12.35
N PRO A 806 11.66 26.16 12.49
CA PRO A 806 11.48 27.04 13.67
C PRO A 806 11.59 26.26 14.96
N THR A 807 12.18 26.89 15.97
CA THR A 807 12.34 26.31 17.30
C THR A 807 11.25 26.83 18.22
N VAL A 808 10.85 25.99 19.16
CA VAL A 808 9.88 26.38 20.16
C VAL A 808 10.59 27.12 21.29
N ASP A 809 10.10 28.30 21.61
CA ASP A 809 10.60 29.09 22.73
C ASP A 809 9.74 28.74 23.94
N GLU A 810 10.29 27.91 24.83
CA GLU A 810 9.53 27.45 25.98
C GLU A 810 9.13 28.59 26.90
N ALA A 811 9.96 29.63 26.99
CA ALA A 811 9.64 30.77 27.83
C ALA A 811 8.37 31.47 27.36
N ALA A 812 8.08 31.42 26.06
CA ALA A 812 6.87 32.04 25.53
C ALA A 812 5.60 31.29 25.92
N LEU A 813 5.72 30.09 26.49
CA LEU A 813 4.57 29.24 26.80
C LEU A 813 4.22 29.22 28.28
N VAL A 814 4.93 29.99 29.12
CA VAL A 814 4.64 30.05 30.55
C VAL A 814 3.64 31.18 30.81
N LYS A 815 2.74 30.95 31.77
CA LYS A 815 1.68 31.89 32.05
C LYS A 815 2.15 32.97 33.03
N SER A 816 1.32 34.01 33.18
CA SER A 816 1.68 35.26 33.84
C SER A 816 1.77 35.15 35.36
N GLU A 817 1.47 34.00 35.96
CA GLU A 817 1.70 33.71 37.38
C GLU A 817 0.78 34.48 38.32
N ILE A 818 0.44 33.86 39.45
CA ILE A 818 -0.32 34.49 40.53
C ILE A 818 0.43 34.26 41.84
N GLU A 819 0.57 35.31 42.64
CA GLU A 819 1.25 35.21 43.93
C GLU A 819 0.77 36.33 44.84
N VAL A 820 0.05 35.98 45.91
CA VAL A 820 -0.47 36.96 46.85
C VAL A 820 -0.85 36.27 48.15
N MET A 821 -1.06 37.04 49.20
CA MET A 821 -1.45 36.51 50.50
C MET A 821 -2.94 36.67 50.72
N VAL A 822 -3.48 35.83 51.61
CA VAL A 822 -4.88 35.85 51.99
C VAL A 822 -4.97 35.99 53.50
N GLN A 823 -5.89 36.84 53.97
CA GLN A 823 -5.99 37.12 55.40
C GLN A 823 -7.43 37.43 55.77
N VAL A 824 -8.03 36.58 56.60
CA VAL A 824 -9.38 36.81 57.11
C VAL A 824 -9.25 37.59 58.42
N ASN A 825 -9.70 38.85 58.40
CA ASN A 825 -9.58 39.75 59.55
C ASN A 825 -8.12 40.02 59.89
N GLY A 826 -7.32 40.30 58.85
CA GLY A 826 -5.93 40.66 59.04
C GLY A 826 -5.06 39.55 59.61
N LYS A 827 -5.35 38.30 59.28
CA LYS A 827 -4.58 37.16 59.77
C LYS A 827 -4.45 36.14 58.66
N LEU A 828 -3.21 35.84 58.25
CA LEU A 828 -2.96 34.90 57.18
C LEU A 828 -3.44 33.51 57.55
N ALA A 841 -11.05 41.77 40.72
CA ALA A 841 -12.11 40.79 40.51
C ALA A 841 -11.54 39.39 40.39
N ASP A 842 -10.53 39.24 39.52
CA ASP A 842 -9.92 37.93 39.33
C ASP A 842 -9.21 37.45 40.59
N LEU A 843 -8.66 38.38 41.38
CA LEU A 843 -8.02 38.01 42.64
C LEU A 843 -9.03 37.86 43.76
N GLU A 844 -10.11 38.65 43.73
CA GLU A 844 -11.18 38.48 44.71
C GLU A 844 -11.93 37.18 44.48
N ALA A 845 -11.99 36.70 43.24
CA ALA A 845 -12.70 35.48 42.94
C ALA A 845 -11.93 34.23 43.34
N ALA A 846 -10.59 34.30 43.36
CA ALA A 846 -9.76 33.15 43.67
C ALA A 846 -9.48 33.01 45.16
N ALA A 847 -9.14 34.11 45.83
CA ALA A 847 -8.91 34.06 47.27
C ALA A 847 -10.20 33.75 48.03
N LEU A 848 -11.36 33.95 47.41
CA LEU A 848 -12.60 33.47 47.99
C LEU A 848 -12.74 31.97 47.83
N ALA A 849 -12.11 31.40 46.80
CA ALA A 849 -12.00 29.94 46.70
C ALA A 849 -10.95 29.39 47.66
N ASN A 850 -10.06 30.24 48.18
CA ASN A 850 -9.05 29.83 49.13
C ASN A 850 -9.64 29.72 50.55
N ILE A 865 -14.35 42.93 51.90
CA ILE A 865 -13.82 42.59 50.59
C ILE A 865 -12.79 43.64 50.14
N ILE A 866 -11.71 43.77 50.92
CA ILE A 866 -10.65 44.73 50.64
C ILE A 866 -9.46 43.98 50.06
N VAL A 867 -8.92 44.48 48.95
CA VAL A 867 -7.77 43.89 48.28
C VAL A 867 -6.89 45.00 47.75
N VAL A 868 -5.63 45.02 48.18
CA VAL A 868 -4.66 46.01 47.69
C VAL A 868 -4.09 45.50 46.37
N PRO A 869 -4.06 46.34 45.31
CA PRO A 869 -3.72 45.84 43.97
C PRO A 869 -2.43 45.03 43.88
N GLY A 870 -2.57 43.72 43.74
CA GLY A 870 -1.47 42.84 43.33
C GLY A 870 -0.73 42.16 44.46
N ARG A 871 -0.81 42.67 45.69
CA ARG A 871 -0.01 42.17 46.79
C ARG A 871 -0.82 41.34 47.78
N LEU A 872 -1.85 41.92 48.38
CA LEU A 872 -2.62 41.26 49.43
C LEU A 872 -4.10 41.20 49.05
N VAL A 873 -4.79 40.28 49.71
CA VAL A 873 -6.25 40.28 49.78
C VAL A 873 -6.63 40.14 51.25
N ASN A 874 -7.80 40.65 51.60
CA ASN A 874 -8.28 40.62 52.99
C ASN A 874 -9.78 40.36 52.96
N ILE A 875 -10.18 39.15 53.34
CA ILE A 875 -11.59 38.73 53.31
C ILE A 875 -12.26 39.28 54.56
N VAL A 876 -12.91 40.43 54.42
CA VAL A 876 -13.54 41.12 55.55
C VAL A 876 -14.80 40.38 55.98
N VAL A 877 -14.65 39.45 56.92
CA VAL A 877 -15.79 38.76 57.51
C VAL A 877 -15.36 38.17 58.85
ZN ZN B . 24.13 -26.78 -24.07
C1 OVB C . -0.37 7.17 -6.83
C2 OVB C . -1.03 6.19 -5.88
C3 OVB C . -0.33 4.85 -5.99
C4 OVB C . 1.17 4.98 -5.78
C6 OVB C . 2.05 5.77 -8.08
C7 OVB C . -2.52 6.07 -6.21
C8 OVB C . -3.46 5.96 -5.00
C9 OVB C . -4.90 5.64 -5.38
C14 OVB C . -5.48 6.51 -7.67
C16 OVB C . -6.25 7.30 -10.55
C17 OVB C . -6.46 7.76 -11.83
C18 OVB C . -6.80 9.08 -12.04
C19 OVB C . -6.98 9.94 -10.96
C20 OVB C . -6.77 9.47 -9.68
O3 OVB C . -0.86 3.94 -5.02
N OVB C . 4.33 1.71 -9.97
CA OVB C . 3.35 1.33 -8.93
C OVB C . 2.11 2.20 -8.97
O OVB C . 1.13 1.93 -8.27
CB OVB C . 3.96 1.44 -7.53
CG OVB C . 5.05 0.41 -7.24
CD1 OVB C . 4.45 -0.99 -7.15
CD2 OVB C . 5.78 0.77 -5.96
C13 OVB C . -6.10 7.67 -8.10
C15 OVB C . -6.39 8.14 -9.46
C22 OVB C . -7.88 9.23 -14.13
C5 OVB C . 1.77 6.10 -6.62
F23 OVB C . -7.81 7.94 -14.41
F24 OVB C . -7.85 9.88 -15.27
F25 OVB C . -9.05 9.45 -13.58
N10 OVB C . -5.46 6.60 -6.33
N11 OVB C . -6.05 7.72 -5.91
N12 OVB C . -6.43 8.39 -6.97
N3S OVB C . 2.15 3.29 -9.80
O1S OVB C . -0.22 3.80 -10.30
O21 OVB C . -6.87 9.63 -13.35
O2S OVB C . 1.58 5.34 -11.02
O4 OVB C . 1.42 5.23 -4.40
O5 OVB C . 1.03 7.33 -6.54
O6 OVB C . 0.86 5.19 -8.70
S OVB C . 1.04 4.41 -10.09
C1 EDO D . 2.76 -15.53 -4.33
O1 EDO D . 2.60 -14.64 -5.44
C2 EDO D . 2.76 -14.74 -3.03
O2 EDO D . 1.42 -14.37 -2.72
C1 EDO E . -4.05 -17.31 -0.21
O1 EDO E . -3.38 -18.51 -0.64
C2 EDO E . -3.07 -16.14 -0.21
O2 EDO E . -1.91 -16.53 0.53
C1 EDO F . 3.95 -23.44 -3.11
O1 EDO F . 2.78 -23.21 -3.91
C2 EDO F . 3.64 -24.47 -2.04
O2 EDO F . 2.59 -23.98 -1.20
MG MG G . 12.73 -1.34 16.58
#